data_8REL
#
_entry.id   8REL
#
_cell.length_a   53.490
_cell.length_b   61.520
_cell.length_c   116.990
_cell.angle_alpha   90.00
_cell.angle_beta   97.49
_cell.angle_gamma   90.00
#
_symmetry.space_group_name_H-M   'P 1 21 1'
#
loop_
_entity.id
_entity.type
_entity.pdbx_description
1 polymer 'Fab 8.1.1 heavy chain'
2 polymer 'Fab 8.1.1 light chain'
3 non-polymer 'CHLORIDE ION'
4 water water
#
loop_
_entity_poly.entity_id
_entity_poly.type
_entity_poly.pdbx_seq_one_letter_code
_entity_poly.pdbx_strand_id
1 'polypeptide(L)'
;EVQLVESGGGLVKPGGSLKLSCAASGFTFSDYYMYWVRQTPEKRLEWVATINDGGTYTYYPDSVKGRFTISRDNAKNNLY
LQMSSLKSEDTAMYFCARGSQLGRGEFAYWGQGTLVTVSAAKTTPPSVYPLAPGCGDTTGSSVTLGCLVKGYFPESVTVT
WNSGSLSSSVHTFPALLQSGLYTMSSSVTVPSSTWPSQTVTCSVAHPASSTTVDKKLEPS
;
H,M
2 'polypeptide(L)'
;(PCA)IVLSQSPAILSASPGEKVTMTCRASSSVSYMHWYQQKPGSSPKPWIYATFNLASGVPARFSGSGSGTSYSLTISR
VEAEDAATYYCQQWSSNPPTFGAGTKLELKRADAAPTVSIFPPSSEQLTSGGASVVCFLNNFYPKDINVKWKIDGSERQN
GVLNSWTDQDSKDSTYSMSSTLTLTKDEYERHNSYTCEATHKTSTSPIVKSFNRNEC
;
L,N
#
# COMPACT_ATOMS: atom_id res chain seq x y z
N GLU A 1 41.11 22.40 10.78
CA GLU A 1 40.62 21.77 9.52
C GLU A 1 39.72 22.76 8.78
N VAL A 2 39.95 22.88 7.49
CA VAL A 2 39.07 23.58 6.61
C VAL A 2 37.74 22.83 6.58
N GLN A 3 36.62 23.58 6.72
CA GLN A 3 35.27 23.02 6.63
C GLN A 3 34.48 23.83 5.63
N LEU A 4 33.68 23.12 4.83
CA LEU A 4 32.76 23.73 3.91
C LEU A 4 31.45 22.94 3.99
N VAL A 5 30.38 23.59 4.48
CA VAL A 5 29.11 22.91 4.67
C VAL A 5 28.05 23.60 3.81
N GLU A 6 27.61 22.91 2.75
CA GLU A 6 26.52 23.37 1.89
C GLU A 6 25.17 23.12 2.55
N SER A 7 24.20 24.02 2.30
CA SER A 7 22.80 23.82 2.68
C SER A 7 21.88 24.54 1.70
N GLY A 8 20.57 24.24 1.82
CA GLY A 8 19.56 24.94 1.07
C GLY A 8 19.17 24.23 -0.23
N GLY A 9 19.78 23.10 -0.50
CA GLY A 9 19.41 22.32 -1.68
C GLY A 9 18.08 21.63 -1.49
N GLY A 10 17.52 21.15 -2.59
CA GLY A 10 16.23 20.49 -2.51
C GLY A 10 15.45 20.61 -3.81
N LEU A 11 14.12 20.65 -3.68
CA LEU A 11 13.22 20.53 -4.79
C LEU A 11 12.77 21.92 -5.26
N VAL A 12 12.78 22.16 -6.58
CA VAL A 12 12.35 23.44 -7.12
C VAL A 12 11.79 23.21 -8.53
N LYS A 13 10.80 24.00 -8.90
CA LYS A 13 10.12 23.80 -10.16
C LYS A 13 10.94 24.40 -11.31
N PRO A 14 10.81 23.83 -12.55
CA PRO A 14 11.37 24.43 -13.72
C PRO A 14 10.92 25.90 -13.76
N GLY A 15 11.86 26.79 -14.10
CA GLY A 15 11.61 28.22 -14.20
C GLY A 15 11.75 28.91 -12.85
N GLY A 16 11.90 28.14 -11.78
CA GLY A 16 11.93 28.69 -10.42
C GLY A 16 13.35 29.08 -9.95
N SER A 17 13.45 29.35 -8.65
CA SER A 17 14.63 29.94 -8.05
C SER A 17 14.91 29.28 -6.74
N LEU A 18 16.18 29.07 -6.47
CA LEU A 18 16.63 28.45 -5.24
C LEU A 18 17.97 29.04 -4.91
N LYS A 19 18.25 29.22 -3.62
CA LYS A 19 19.48 29.84 -3.18
C LYS A 19 20.24 28.88 -2.27
N LEU A 20 21.48 28.52 -2.66
CA LEU A 20 22.32 27.62 -1.89
C LEU A 20 23.20 28.44 -0.97
N SER A 21 23.54 27.86 0.21
CA SER A 21 24.51 28.44 1.11
C SER A 21 25.68 27.47 1.34
N CYS A 22 26.79 28.05 1.71
CA CYS A 22 27.98 27.32 2.06
C CYS A 22 28.63 28.03 3.25
N ALA A 23 28.60 27.37 4.42
CA ALA A 23 29.23 27.87 5.63
C ALA A 23 30.72 27.38 5.68
N ALA A 24 31.66 28.37 5.63
CA ALA A 24 33.09 28.09 5.61
C ALA A 24 33.71 28.43 6.93
N SER A 25 34.76 27.67 7.31
CA SER A 25 35.52 27.92 8.52
C SER A 25 36.88 27.19 8.44
N GLY A 26 37.82 27.53 9.33
CA GLY A 26 39.13 26.87 9.36
C GLY A 26 40.18 27.54 8.43
N PHE A 27 39.84 28.71 7.91
CA PHE A 27 40.75 29.51 7.11
C PHE A 27 40.18 30.90 7.01
N THR A 28 41.01 31.87 6.65
CA THR A 28 40.53 33.24 6.54
C THR A 28 39.81 33.37 5.18
N PHE A 29 38.47 33.09 5.23
CA PHE A 29 37.53 33.01 4.08
C PHE A 29 37.74 34.17 3.12
N SER A 30 37.95 35.38 3.67
CA SER A 30 38.04 36.61 2.90
C SER A 30 39.41 36.81 2.19
N ASP A 31 40.33 35.82 2.31
CA ASP A 31 41.59 35.85 1.56
C ASP A 31 41.54 34.90 0.35
N TYR A 32 40.38 34.22 0.11
CA TYR A 32 40.33 33.18 -0.94
C TYR A 32 39.20 33.46 -1.94
N TYR A 33 39.50 33.14 -3.21
CA TYR A 33 38.47 32.93 -4.20
C TYR A 33 37.62 31.75 -3.74
N MET A 34 36.35 31.73 -4.14
CA MET A 34 35.46 30.63 -3.81
C MET A 34 34.76 30.22 -5.08
N TYR A 35 34.27 28.98 -5.12
CA TYR A 35 33.71 28.42 -6.33
C TYR A 35 32.54 27.50 -5.99
N TRP A 36 31.72 27.27 -6.98
CA TRP A 36 30.73 26.22 -6.99
C TRP A 36 31.05 25.32 -8.16
N VAL A 37 30.97 24.00 -7.91
CA VAL A 37 31.07 22.99 -8.94
C VAL A 37 29.88 22.07 -8.76
N ARG A 38 29.32 21.57 -9.86
CA ARG A 38 28.21 20.65 -9.76
C ARG A 38 28.58 19.32 -10.44
N GLN A 39 27.92 18.23 -9.99
CA GLN A 39 28.04 16.91 -10.58
C GLN A 39 26.67 16.44 -11.02
N THR A 40 26.52 16.19 -12.32
CA THR A 40 25.23 15.80 -12.88
C THR A 40 24.94 14.34 -12.47
N PRO A 41 23.71 13.83 -12.71
CA PRO A 41 23.40 12.42 -12.48
C PRO A 41 24.16 11.45 -13.38
N GLU A 42 24.75 11.96 -14.48
CA GLU A 42 25.65 11.20 -15.34
C GLU A 42 27.08 11.25 -14.78
N LYS A 43 27.27 11.92 -13.63
CA LYS A 43 28.52 11.94 -12.87
C LYS A 43 29.56 12.90 -13.49
N ARG A 44 29.14 13.72 -14.47
CA ARG A 44 30.01 14.73 -15.05
C ARG A 44 30.17 15.88 -14.07
N LEU A 45 31.39 16.38 -13.95
CA LEU A 45 31.69 17.54 -13.13
C LEU A 45 31.81 18.78 -13.99
N GLU A 46 31.16 19.88 -13.59
CA GLU A 46 31.30 21.16 -14.28
C GLU A 46 31.35 22.29 -13.29
N TRP A 47 32.34 23.16 -13.50
CA TRP A 47 32.46 24.44 -12.82
C TRP A 47 31.26 25.32 -13.19
N VAL A 48 30.65 25.99 -12.18
CA VAL A 48 29.47 26.82 -12.46
C VAL A 48 29.63 28.27 -11.98
N ALA A 49 30.59 28.58 -11.09
CA ALA A 49 30.77 29.96 -10.69
C ALA A 49 32.10 30.17 -9.92
N THR A 50 32.67 31.38 -10.12
CA THR A 50 33.88 31.89 -9.43
C THR A 50 33.57 33.26 -8.82
N ILE A 51 34.04 33.51 -7.59
CA ILE A 51 33.88 34.80 -6.97
C ILE A 51 35.17 35.20 -6.30
N ASN A 52 35.33 36.52 -6.25
CA ASN A 52 36.46 37.24 -5.70
C ASN A 52 36.49 37.20 -4.18
N ASP A 53 37.68 37.56 -3.62
CA ASP A 53 37.84 37.80 -2.17
C ASP A 53 36.76 38.69 -1.66
N GLY A 54 36.60 39.87 -2.33
CA GLY A 54 35.69 40.90 -1.89
C GLY A 54 34.33 40.86 -2.58
N GLY A 55 34.15 39.93 -3.53
CA GLY A 55 32.86 39.78 -4.23
C GLY A 55 32.64 40.84 -5.31
N THR A 56 33.73 41.44 -5.81
CA THR A 56 33.64 42.52 -6.79
C THR A 56 33.68 41.97 -8.23
N TYR A 57 34.36 40.82 -8.42
CA TYR A 57 34.41 40.14 -9.70
C TYR A 57 33.76 38.75 -9.57
N THR A 58 32.94 38.38 -10.59
CA THR A 58 32.27 37.07 -10.71
C THR A 58 32.40 36.55 -12.16
N TYR A 59 32.56 35.22 -12.31
CA TYR A 59 32.72 34.56 -13.61
C TYR A 59 31.87 33.30 -13.61
N TYR A 60 31.30 32.98 -14.77
CA TYR A 60 30.35 31.90 -14.92
C TYR A 60 30.52 31.29 -16.29
N PRO A 61 30.26 29.98 -16.45
CA PRO A 61 30.13 29.40 -17.78
C PRO A 61 28.85 29.91 -18.47
N ASP A 62 28.88 29.89 -19.79
CA ASP A 62 27.78 30.41 -20.63
C ASP A 62 26.44 29.76 -20.27
N SER A 63 26.48 28.47 -19.86
CA SER A 63 25.28 27.68 -19.61
C SER A 63 24.47 28.21 -18.42
N VAL A 64 25.14 28.88 -17.45
CA VAL A 64 24.44 29.40 -16.27
C VAL A 64 24.45 30.94 -16.22
N LYS A 65 25.25 31.58 -17.08
CA LYS A 65 25.41 32.99 -17.00
C LYS A 65 24.07 33.64 -17.30
N GLY A 66 23.71 34.63 -16.49
CA GLY A 66 22.42 35.28 -16.57
C GLY A 66 21.38 34.62 -15.68
N ARG A 67 21.66 33.39 -15.21
CA ARG A 67 20.70 32.63 -14.42
C ARG A 67 21.20 32.48 -12.97
N PHE A 68 22.49 32.19 -12.78
CA PHE A 68 23.04 31.99 -11.45
C PHE A 68 23.85 33.23 -11.02
N THR A 69 23.78 33.56 -9.74
CA THR A 69 24.54 34.66 -9.18
C THR A 69 25.28 34.18 -7.96
N ILE A 70 26.61 34.25 -8.02
CA ILE A 70 27.43 33.90 -6.86
C ILE A 70 27.64 35.16 -6.03
N SER A 71 27.52 35.02 -4.73
CA SER A 71 27.79 36.11 -3.79
C SER A 71 28.39 35.51 -2.53
N ARG A 72 28.92 36.39 -1.66
CA ARG A 72 29.55 35.95 -0.45
C ARG A 72 29.36 36.98 0.65
N ASP A 73 29.38 36.50 1.88
CA ASP A 73 29.29 37.34 3.05
C ASP A 73 30.51 37.06 3.93
N ASN A 74 31.48 37.97 3.86
CA ASN A 74 32.77 37.77 4.51
C ASN A 74 32.66 37.94 6.02
N ALA A 75 31.59 38.53 6.51
CA ALA A 75 31.40 38.67 7.94
C ALA A 75 30.97 37.34 8.55
N LYS A 76 29.97 36.70 7.92
CA LYS A 76 29.43 35.42 8.39
C LYS A 76 30.18 34.24 7.76
N ASN A 77 31.07 34.52 6.81
CA ASN A 77 31.83 33.48 6.10
C ASN A 77 30.87 32.52 5.39
N ASN A 78 29.86 33.07 4.71
CA ASN A 78 28.96 32.27 3.90
C ASN A 78 29.21 32.57 2.43
N LEU A 79 29.08 31.53 1.62
CA LEU A 79 29.08 31.68 0.18
C LEU A 79 27.70 31.24 -0.34
N TYR A 80 27.23 31.92 -1.39
CA TYR A 80 25.86 31.73 -1.83
C TYR A 80 25.83 31.51 -3.31
N LEU A 81 24.80 30.78 -3.77
CA LEU A 81 24.50 30.69 -5.18
C LEU A 81 23.00 30.85 -5.39
N GLN A 82 22.59 32.03 -5.83
CA GLN A 82 21.23 32.25 -6.23
C GLN A 82 21.07 31.68 -7.64
N MET A 83 20.18 30.73 -7.75
CA MET A 83 19.92 30.10 -9.02
C MET A 83 18.54 30.54 -9.44
N SER A 84 18.39 30.88 -10.73
CA SER A 84 17.10 31.30 -11.28
C SER A 84 16.95 30.72 -12.68
N SER A 85 15.73 30.83 -13.22
CA SER A 85 15.41 30.28 -14.54
C SER A 85 15.91 28.84 -14.63
N LEU A 86 15.66 28.08 -13.57
CA LEU A 86 16.18 26.72 -13.45
C LEU A 86 15.55 25.83 -14.51
N LYS A 87 16.39 24.95 -15.06
CA LYS A 87 16.01 23.97 -16.06
C LYS A 87 16.31 22.61 -15.46
N SER A 88 15.79 21.54 -16.09
CA SER A 88 15.98 20.20 -15.53
C SER A 88 17.45 19.79 -15.64
N GLU A 89 18.19 20.36 -16.61
CA GLU A 89 19.63 20.10 -16.76
C GLU A 89 20.46 20.69 -15.60
N ASP A 90 19.86 21.52 -14.77
CA ASP A 90 20.54 22.02 -13.58
C ASP A 90 20.42 21.04 -12.41
N THR A 91 19.64 19.95 -12.59
CA THR A 91 19.54 18.89 -11.57
C THR A 91 20.95 18.31 -11.36
N ALA A 92 21.42 18.36 -10.10
CA ALA A 92 22.80 18.04 -9.84
C ALA A 92 23.09 18.19 -8.37
N MET A 93 24.21 17.58 -7.97
CA MET A 93 24.79 17.82 -6.68
C MET A 93 25.72 19.03 -6.80
N TYR A 94 25.52 20.05 -5.93
CA TYR A 94 26.27 21.30 -6.01
C TYR A 94 27.27 21.35 -4.83
N PHE A 95 28.56 21.53 -5.19
CA PHE A 95 29.65 21.61 -4.21
C PHE A 95 30.23 23.02 -4.18
N CYS A 96 30.44 23.59 -2.99
CA CYS A 96 31.25 24.80 -2.91
C CYS A 96 32.68 24.36 -2.71
N ALA A 97 33.62 25.19 -3.18
CA ALA A 97 35.01 24.79 -3.19
C ALA A 97 35.90 25.97 -2.96
N ARG A 98 37.09 25.68 -2.48
CA ARG A 98 38.10 26.67 -2.19
C ARG A 98 39.36 26.26 -2.94
N GLY A 99 40.06 27.23 -3.49
CA GLY A 99 41.26 26.96 -4.24
C GLY A 99 42.50 27.11 -3.38
N SER A 100 43.55 27.67 -4.00
CA SER A 100 44.79 27.98 -3.31
C SER A 100 45.31 29.30 -3.84
N GLN A 101 45.88 30.11 -2.94
CA GLN A 101 46.51 31.38 -3.29
C GLN A 101 47.80 31.10 -4.09
N LEU A 102 48.18 29.81 -4.14
CA LEU A 102 49.33 29.33 -4.88
C LEU A 102 49.05 29.34 -6.39
N GLY A 103 47.83 29.77 -6.79
CA GLY A 103 47.40 29.72 -8.18
C GLY A 103 47.27 28.27 -8.67
N ARG A 104 47.21 28.11 -9.99
CA ARG A 104 47.19 26.80 -10.66
C ARG A 104 45.77 26.24 -10.73
N GLY A 105 44.83 26.87 -10.01
CA GLY A 105 43.42 26.59 -10.16
C GLY A 105 43.06 25.12 -9.85
N GLU A 106 43.55 24.61 -8.72
CA GLU A 106 43.07 23.33 -8.22
C GLU A 106 41.91 23.61 -7.28
N PHE A 107 41.03 22.62 -7.11
CA PHE A 107 40.00 22.69 -6.09
C PHE A 107 40.51 21.97 -4.84
N ALA A 108 41.17 22.72 -3.93
CA ALA A 108 41.90 22.16 -2.78
C ALA A 108 40.95 21.67 -1.66
N TYR A 109 39.73 22.22 -1.59
CA TYR A 109 38.77 21.79 -0.56
C TYR A 109 37.34 21.82 -1.14
N TRP A 110 36.59 20.72 -0.92
CA TRP A 110 35.23 20.62 -1.39
C TRP A 110 34.28 20.41 -0.20
N GLY A 111 33.07 20.95 -0.31
CA GLY A 111 32.03 20.60 0.64
C GLY A 111 31.53 19.19 0.35
N GLN A 112 30.59 18.71 1.18
CA GLN A 112 29.99 17.39 0.98
C GLN A 112 28.96 17.46 -0.16
N GLY A 113 28.39 18.61 -0.40
CA GLY A 113 27.47 18.76 -1.49
C GLY A 113 26.04 18.82 -1.01
N THR A 114 25.21 19.56 -1.79
CA THR A 114 23.76 19.63 -1.59
C THR A 114 23.09 19.34 -2.94
N LEU A 115 22.08 18.47 -2.92
CA LEU A 115 21.43 18.04 -4.12
C LEU A 115 20.35 19.07 -4.50
N VAL A 116 20.35 19.48 -5.78
CA VAL A 116 19.28 20.30 -6.30
C VAL A 116 18.54 19.48 -7.32
N THR A 117 17.21 19.35 -7.12
CA THR A 117 16.33 18.62 -8.04
C THR A 117 15.31 19.56 -8.65
N VAL A 118 15.35 19.68 -9.98
CA VAL A 118 14.46 20.51 -10.73
C VAL A 118 13.39 19.62 -11.32
N SER A 119 12.14 19.84 -10.86
CA SER A 119 11.04 18.94 -11.12
C SER A 119 9.72 19.55 -10.66
N ALA A 120 8.62 19.19 -11.35
CA ALA A 120 7.28 19.61 -10.95
C ALA A 120 6.65 18.61 -9.95
N ALA A 121 7.29 17.48 -9.67
CA ALA A 121 6.70 16.51 -8.73
C ALA A 121 6.65 17.10 -7.31
N LYS A 122 5.87 16.45 -6.44
CA LYS A 122 5.70 16.92 -5.07
C LYS A 122 6.71 16.24 -4.17
N THR A 123 7.08 16.90 -3.08
CA THR A 123 7.79 16.28 -1.99
C THR A 123 6.87 15.19 -1.38
N THR A 124 7.39 13.95 -1.29
CA THR A 124 6.67 12.85 -0.65
C THR A 124 7.59 12.17 0.34
N PRO A 125 7.14 11.93 1.61
CA PRO A 125 7.93 11.23 2.57
C PRO A 125 7.86 9.73 2.27
N PRO A 126 8.93 8.96 2.62
CA PRO A 126 8.95 7.52 2.39
C PRO A 126 8.05 6.70 3.32
N SER A 127 7.61 5.57 2.79
CA SER A 127 7.11 4.48 3.61
C SER A 127 8.25 3.50 3.90
N VAL A 128 8.47 3.19 5.16
CA VAL A 128 9.57 2.33 5.56
C VAL A 128 9.00 0.99 6.03
N TYR A 129 9.49 -0.09 5.42
CA TYR A 129 9.03 -1.44 5.68
C TYR A 129 10.22 -2.30 6.05
N PRO A 130 10.20 -3.02 7.19
CA PRO A 130 11.28 -3.92 7.53
C PRO A 130 11.33 -5.09 6.57
N LEU A 131 12.56 -5.54 6.23
CA LEU A 131 12.77 -6.76 5.47
C LEU A 131 13.39 -7.76 6.41
N ALA A 132 12.57 -8.69 6.91
CA ALA A 132 12.99 -9.69 7.86
C ALA A 132 12.66 -11.08 7.31
N PRO A 133 13.50 -12.10 7.62
CA PRO A 133 13.24 -13.47 7.17
C PRO A 133 11.92 -14.06 7.71
N SER A 142 25.51 -16.10 10.11
CA SER A 142 25.19 -14.73 9.62
C SER A 142 23.76 -14.67 9.13
N VAL A 143 23.15 -13.51 9.38
CA VAL A 143 21.78 -13.24 8.99
C VAL A 143 21.74 -11.85 8.38
N THR A 144 21.08 -11.75 7.24
CA THR A 144 20.97 -10.48 6.56
C THR A 144 19.55 -9.91 6.77
N LEU A 145 19.49 -8.61 7.12
CA LEU A 145 18.26 -7.85 7.33
C LEU A 145 18.26 -6.64 6.39
N GLY A 146 17.08 -5.99 6.23
CA GLY A 146 16.98 -4.82 5.39
C GLY A 146 15.79 -3.92 5.75
N CYS A 147 15.82 -2.71 5.20
CA CYS A 147 14.68 -1.82 5.20
C CYS A 147 14.44 -1.32 3.79
N LEU A 148 13.21 -1.47 3.36
CA LEU A 148 12.74 -0.99 2.09
C LEU A 148 12.17 0.44 2.28
N VAL A 149 12.71 1.41 1.52
CA VAL A 149 12.35 2.82 1.64
C VAL A 149 11.64 3.21 0.35
N LYS A 150 10.29 3.28 0.42
CA LYS A 150 9.46 3.24 -0.76
C LYS A 150 8.60 4.50 -0.89
N GLY A 151 8.52 5.01 -2.12
CA GLY A 151 7.55 6.04 -2.47
C GLY A 151 7.90 7.43 -1.90
N TYR A 152 9.14 7.90 -2.15
CA TYR A 152 9.56 9.22 -1.66
C TYR A 152 10.02 10.08 -2.81
N PHE A 153 9.97 11.41 -2.59
CA PHE A 153 10.51 12.41 -3.50
C PHE A 153 10.85 13.69 -2.72
N PRO A 154 11.92 14.43 -3.05
CA PRO A 154 12.98 13.98 -3.95
C PRO A 154 13.99 13.15 -3.17
N GLU A 155 15.14 12.83 -3.82
CA GLU A 155 16.34 12.36 -3.11
C GLU A 155 16.80 13.51 -2.17
N SER A 156 17.58 13.18 -1.11
CA SER A 156 18.05 11.83 -0.78
C SER A 156 17.45 11.37 0.55
N VAL A 157 17.70 10.11 0.88
CA VAL A 157 17.44 9.57 2.18
C VAL A 157 18.74 8.98 2.70
N THR A 158 18.85 8.82 4.03
CA THR A 158 19.96 8.10 4.64
C THR A 158 19.39 7.06 5.62
N VAL A 159 19.93 5.85 5.55
CA VAL A 159 19.53 4.76 6.44
C VAL A 159 20.67 4.46 7.37
N THR A 160 20.43 4.53 8.69
CA THR A 160 21.44 4.13 9.65
C THR A 160 20.91 2.95 10.45
N TRP A 161 21.83 2.06 10.84
CA TRP A 161 21.51 0.85 11.52
C TRP A 161 22.08 0.88 12.93
N ASN A 162 21.20 0.73 13.93
CA ASN A 162 21.57 0.86 15.34
C ASN A 162 22.56 2.00 15.50
N SER A 163 22.16 3.20 15.01
CA SER A 163 22.91 4.44 15.20
C SER A 163 24.35 4.33 14.68
N GLY A 164 24.57 3.58 13.58
CA GLY A 164 25.87 3.55 12.90
C GLY A 164 26.83 2.45 13.42
N SER A 165 26.49 1.82 14.55
CA SER A 165 27.37 0.84 15.14
C SER A 165 27.37 -0.47 14.31
N LEU A 166 26.66 -0.52 13.15
CA LEU A 166 26.65 -1.73 12.31
C LEU A 166 27.05 -1.41 10.85
N SER A 167 27.68 -0.27 10.64
CA SER A 167 27.89 0.31 9.31
C SER A 167 28.79 -0.56 8.43
N SER A 168 29.75 -1.29 9.00
CA SER A 168 30.74 -2.00 8.18
C SER A 168 30.08 -3.10 7.30
N SER A 169 28.99 -3.72 7.80
CA SER A 169 28.34 -4.81 7.07
C SER A 169 27.06 -4.33 6.34
N VAL A 170 27.04 -3.02 5.92
CA VAL A 170 25.83 -2.42 5.34
C VAL A 170 26.00 -2.30 3.83
N HIS A 171 24.92 -2.53 3.08
CA HIS A 171 24.89 -2.21 1.67
C HIS A 171 23.76 -1.19 1.44
N THR A 172 24.06 -0.19 0.59
CA THR A 172 23.14 0.88 0.26
C THR A 172 22.86 0.84 -1.24
N PHE A 173 21.66 0.42 -1.61
CA PHE A 173 21.34 0.24 -3.03
C PHE A 173 20.85 1.56 -3.64
N PRO A 174 21.37 1.95 -4.83
CA PRO A 174 20.95 3.18 -5.47
C PRO A 174 19.43 3.22 -5.67
N ALA A 175 18.86 4.42 -5.49
CA ALA A 175 17.41 4.57 -5.58
C ALA A 175 17.00 4.46 -7.04
N LEU A 176 15.87 3.82 -7.28
CA LEU A 176 15.24 3.76 -8.60
C LEU A 176 13.97 4.61 -8.56
N LEU A 177 13.72 5.32 -9.64
CA LEU A 177 12.54 6.17 -9.76
C LEU A 177 11.47 5.42 -10.50
N GLN A 178 10.24 5.39 -9.93
CA GLN A 178 9.14 4.59 -10.44
C GLN A 178 7.79 5.27 -10.08
N SER A 179 6.99 5.65 -11.12
CA SER A 179 5.68 6.30 -10.95
C SER A 179 5.83 7.65 -10.24
N GLY A 180 6.91 8.38 -10.56
CA GLY A 180 7.20 9.70 -9.99
C GLY A 180 7.86 9.65 -8.59
N LEU A 181 8.14 8.42 -8.06
CA LEU A 181 8.64 8.27 -6.71
C LEU A 181 9.84 7.33 -6.69
N TYR A 182 10.77 7.60 -5.77
CA TYR A 182 11.96 6.80 -5.57
C TYR A 182 11.68 5.68 -4.60
N THR A 183 12.39 4.57 -4.81
CA THR A 183 12.42 3.45 -3.89
C THR A 183 13.87 2.98 -3.79
N MET A 184 14.35 2.78 -2.55
CA MET A 184 15.66 2.17 -2.34
C MET A 184 15.58 1.16 -1.20
N SER A 185 16.67 0.40 -0.98
CA SER A 185 16.76 -0.51 0.15
C SER A 185 18.16 -0.45 0.74
N SER A 186 18.26 -0.81 2.02
CA SER A 186 19.52 -0.96 2.69
C SER A 186 19.57 -2.34 3.34
N SER A 187 20.73 -3.01 3.26
CA SER A 187 20.92 -4.29 3.93
C SER A 187 22.00 -4.20 4.97
N VAL A 188 21.87 -5.01 6.00
CA VAL A 188 22.88 -5.18 7.00
C VAL A 188 23.00 -6.67 7.27
N THR A 189 24.25 -7.11 7.58
CA THR A 189 24.54 -8.49 7.89
C THR A 189 25.13 -8.53 9.28
N VAL A 190 24.55 -9.38 10.15
CA VAL A 190 25.02 -9.54 11.52
C VAL A 190 25.12 -11.03 11.85
N PRO A 191 25.95 -11.42 12.85
CA PRO A 191 25.97 -12.79 13.36
C PRO A 191 24.60 -13.26 13.82
N SER A 192 24.33 -14.55 13.62
CA SER A 192 23.05 -15.15 13.93
C SER A 192 22.81 -15.19 15.46
N SER A 193 23.88 -14.96 16.25
CA SER A 193 23.74 -14.83 17.70
C SER A 193 23.42 -13.38 18.11
N THR A 194 23.55 -12.43 17.15
CA THR A 194 23.32 -11.00 17.40
C THR A 194 21.84 -10.64 17.18
N TRP A 195 21.22 -11.29 16.19
CA TRP A 195 19.81 -11.10 15.91
C TRP A 195 19.18 -12.45 15.65
N PRO A 196 17.93 -12.75 16.15
CA PRO A 196 17.08 -11.78 16.87
C PRO A 196 17.31 -11.58 18.37
N SER A 197 18.42 -12.05 18.92
CA SER A 197 18.64 -11.97 20.38
C SER A 197 18.75 -10.49 20.82
N GLN A 198 19.18 -9.64 19.90
CA GLN A 198 19.23 -8.21 20.17
C GLN A 198 18.37 -7.49 19.14
N THR A 199 18.00 -6.27 19.46
CA THR A 199 17.14 -5.50 18.61
C THR A 199 17.99 -4.82 17.54
N VAL A 200 17.50 -4.86 16.30
CA VAL A 200 18.10 -4.17 15.19
C VAL A 200 17.03 -3.22 14.60
N THR A 201 17.40 -1.93 14.54
CA THR A 201 16.53 -0.88 14.09
C THR A 201 17.18 -0.19 12.91
N CYS A 202 16.41 0.03 11.84
CA CYS A 202 16.87 0.90 10.79
C CYS A 202 16.24 2.26 10.99
N SER A 203 17.03 3.33 10.83
CA SER A 203 16.54 4.70 11.01
C SER A 203 16.68 5.44 9.68
N VAL A 204 15.54 5.90 9.13
CA VAL A 204 15.46 6.44 7.78
C VAL A 204 15.14 7.92 7.85
N ALA A 205 16.08 8.75 7.45
CA ALA A 205 15.88 10.18 7.43
C ALA A 205 15.66 10.66 5.98
N HIS A 206 14.65 11.55 5.81
CA HIS A 206 14.38 12.22 4.55
C HIS A 206 14.27 13.73 4.85
N PRO A 207 15.39 14.47 4.82
CA PRO A 207 15.37 15.91 5.14
C PRO A 207 14.30 16.71 4.35
N ALA A 208 14.14 16.40 3.05
CA ALA A 208 13.16 17.11 2.23
C ALA A 208 11.75 17.11 2.88
N SER A 209 11.38 16.07 3.66
CA SER A 209 10.09 16.02 4.33
C SER A 209 10.24 16.15 5.87
N SER A 210 11.49 16.45 6.35
CA SER A 210 11.80 16.57 7.77
C SER A 210 11.33 15.34 8.53
N THR A 211 11.41 14.16 7.90
CA THR A 211 10.94 12.95 8.54
C THR A 211 12.12 12.10 8.98
N THR A 212 11.92 11.41 10.10
CA THR A 212 12.77 10.31 10.55
C THR A 212 11.88 9.16 10.98
N VAL A 213 12.00 8.00 10.31
CA VAL A 213 11.16 6.83 10.59
C VAL A 213 12.09 5.67 11.06
N ASP A 214 11.73 5.06 12.21
CA ASP A 214 12.46 3.95 12.79
C ASP A 214 11.60 2.68 12.67
N LYS A 215 12.21 1.59 12.26
CA LYS A 215 11.53 0.30 12.21
C LYS A 215 12.40 -0.75 12.87
N LYS A 216 11.78 -1.50 13.79
CA LYS A 216 12.38 -2.64 14.43
C LYS A 216 12.31 -3.83 13.49
N LEU A 217 13.42 -4.59 13.43
CA LEU A 217 13.50 -5.80 12.63
C LEU A 217 13.06 -6.99 13.51
N GLU A 218 12.06 -7.71 13.04
CA GLU A 218 11.45 -8.78 13.79
C GLU A 218 11.05 -9.87 12.83
N PRO A 219 11.18 -11.15 13.21
CA PRO A 219 10.86 -12.24 12.30
C PRO A 219 9.42 -12.19 11.80
N SER A 220 9.22 -12.54 10.52
CA SER A 220 7.90 -12.61 9.91
C SER A 220 7.15 -13.90 10.37
N ILE B 2 39.50 23.87 -23.18
CA ILE B 2 40.36 22.67 -23.24
C ILE B 2 39.48 21.44 -22.86
N VAL B 3 39.30 20.52 -23.82
CA VAL B 3 38.56 19.27 -23.60
C VAL B 3 39.56 18.22 -23.08
N LEU B 4 39.23 17.61 -21.93
CA LEU B 4 40.05 16.54 -21.37
C LEU B 4 39.40 15.19 -21.70
N SER B 5 40.14 14.34 -22.47
CA SER B 5 39.71 12.97 -22.80
C SER B 5 40.47 11.98 -21.93
N GLN B 6 39.77 11.33 -21.01
CA GLN B 6 40.39 10.36 -20.11
C GLN B 6 40.25 8.95 -20.62
N SER B 7 41.39 8.16 -20.56
CA SER B 7 41.47 6.76 -21.03
C SER B 7 42.09 5.86 -20.00
N PRO B 8 41.63 4.58 -19.87
CA PRO B 8 40.38 4.13 -20.46
C PRO B 8 39.24 4.57 -19.57
N ALA B 9 38.02 4.26 -20.00
CA ALA B 9 36.82 4.58 -19.27
C ALA B 9 36.73 3.70 -18.03
N ILE B 10 37.07 2.42 -18.22
CA ILE B 10 37.12 1.47 -17.12
C ILE B 10 38.45 0.79 -17.19
N LEU B 11 39.21 0.90 -16.11
CA LEU B 11 40.46 0.20 -15.99
C LEU B 11 40.26 -0.94 -15.02
N SER B 12 40.35 -2.16 -15.55
CA SER B 12 40.18 -3.37 -14.79
C SER B 12 41.57 -3.93 -14.43
N ALA B 13 41.85 -4.11 -13.13
CA ALA B 13 43.21 -4.50 -12.72
C ALA B 13 43.18 -5.35 -11.46
N SER B 14 44.13 -6.28 -11.37
CA SER B 14 44.26 -7.13 -10.21
C SER B 14 45.23 -6.49 -9.25
N PRO B 15 45.08 -6.74 -7.90
CA PRO B 15 45.96 -6.13 -6.91
C PRO B 15 47.38 -6.64 -7.12
N GLY B 16 48.34 -5.74 -6.93
CA GLY B 16 49.73 -6.02 -7.16
C GLY B 16 50.22 -5.41 -8.48
N GLU B 17 49.31 -5.20 -9.45
CA GLU B 17 49.70 -4.70 -10.76
C GLU B 17 50.01 -3.22 -10.70
N LYS B 18 50.86 -2.79 -11.67
CA LYS B 18 51.12 -1.39 -11.97
C LYS B 18 50.13 -0.96 -13.05
N VAL B 19 49.37 0.14 -12.80
CA VAL B 19 48.44 0.65 -13.81
C VAL B 19 48.71 2.12 -14.08
N THR B 20 48.33 2.53 -15.30
CA THR B 20 48.41 3.90 -15.71
C THR B 20 47.09 4.33 -16.38
N MET B 21 46.53 5.45 -15.91
CA MET B 21 45.37 6.06 -16.56
C MET B 21 45.83 7.39 -17.16
N THR B 22 45.22 7.72 -18.31
CA THR B 22 45.70 8.80 -19.15
C THR B 22 44.63 9.89 -19.28
N CYS B 23 45.12 11.15 -19.30
CA CYS B 23 44.32 12.33 -19.50
C CYS B 23 44.91 13.15 -20.64
N ARG B 24 44.25 13.13 -21.82
CA ARG B 24 44.66 13.91 -22.98
C ARG B 24 43.87 15.20 -23.03
N ALA B 25 44.57 16.32 -23.37
CA ALA B 25 43.95 17.64 -23.49
C ALA B 25 43.97 18.05 -24.96
N SER B 26 42.89 18.73 -25.41
CA SER B 26 42.77 19.22 -26.79
C SER B 26 43.87 20.26 -27.09
N SER B 27 44.39 20.89 -26.05
CA SER B 27 45.39 21.92 -26.19
C SER B 27 46.33 21.84 -25.00
N SER B 28 47.41 22.59 -25.06
CA SER B 28 48.46 22.47 -24.06
C SER B 28 47.97 23.03 -22.72
N VAL B 29 48.40 22.38 -21.64
CA VAL B 29 47.98 22.70 -20.29
C VAL B 29 49.24 22.84 -19.43
N SER B 30 49.26 23.82 -18.53
CA SER B 30 50.44 24.06 -17.69
C SER B 30 50.48 23.08 -16.50
N TYR B 31 49.29 22.78 -15.92
CA TYR B 31 49.17 21.94 -14.73
C TYR B 31 47.93 21.04 -14.88
N MET B 32 48.06 19.77 -14.45
CA MET B 32 46.92 18.88 -14.41
C MET B 32 46.66 18.47 -12.97
N HIS B 33 45.40 18.52 -12.58
CA HIS B 33 44.97 18.10 -11.24
C HIS B 33 44.18 16.80 -11.38
N TRP B 34 44.19 16.01 -10.29
CA TRP B 34 43.51 14.72 -10.24
C TRP B 34 42.69 14.64 -8.98
N TYR B 35 41.50 14.06 -9.09
CA TYR B 35 40.63 13.84 -7.95
C TYR B 35 40.23 12.36 -7.93
N GLN B 36 40.07 11.81 -6.73
CA GLN B 36 39.52 10.48 -6.53
C GLN B 36 38.12 10.63 -5.97
N GLN B 37 37.16 9.93 -6.57
CA GLN B 37 35.80 9.96 -6.03
C GLN B 37 35.32 8.55 -5.75
N LYS B 38 34.85 8.33 -4.52
CA LYS B 38 34.15 7.11 -4.15
C LYS B 38 32.70 7.46 -3.95
N PRO B 39 31.77 6.53 -4.24
CA PRO B 39 30.34 6.84 -4.15
C PRO B 39 29.92 7.30 -2.75
N GLY B 40 29.05 8.32 -2.73
CA GLY B 40 28.51 8.87 -1.49
C GLY B 40 29.34 10.01 -0.94
N SER B 41 30.40 10.42 -1.66
CA SER B 41 31.24 11.50 -1.16
C SER B 41 31.73 12.35 -2.30
N SER B 42 32.11 13.58 -1.98
CA SER B 42 32.62 14.51 -2.96
C SER B 42 33.98 14.05 -3.48
N PRO B 43 34.42 14.52 -4.69
CA PRO B 43 35.76 14.26 -5.17
C PRO B 43 36.78 14.75 -4.12
N LYS B 44 37.85 13.93 -3.92
CA LYS B 44 38.94 14.30 -3.03
C LYS B 44 40.13 14.69 -3.86
N PRO B 45 40.76 15.85 -3.58
CA PRO B 45 42.03 16.21 -4.18
C PRO B 45 42.97 15.06 -4.03
N TRP B 46 43.68 14.72 -5.09
CA TRP B 46 44.47 13.52 -5.08
C TRP B 46 45.89 13.80 -5.56
N ILE B 47 46.00 14.41 -6.75
CA ILE B 47 47.26 14.98 -7.24
C ILE B 47 47.01 16.42 -7.65
N TYR B 48 47.86 17.33 -7.19
CA TYR B 48 47.75 18.73 -7.59
C TYR B 48 49.05 19.15 -8.24
N ALA B 49 48.91 19.94 -9.29
CA ALA B 49 50.03 20.48 -10.03
C ALA B 49 50.85 19.34 -10.58
N THR B 50 50.17 18.40 -11.28
CA THR B 50 50.79 17.36 -12.12
C THR B 50 51.45 16.22 -11.28
N PHE B 51 52.26 16.59 -10.27
CA PHE B 51 53.18 15.65 -9.60
C PHE B 51 52.90 15.47 -8.11
N ASN B 52 52.26 16.45 -7.46
CA ASN B 52 52.27 16.47 -6.00
C ASN B 52 51.07 15.70 -5.46
N LEU B 53 51.34 14.86 -4.45
CA LEU B 53 50.30 14.05 -3.80
C LEU B 53 49.63 14.89 -2.75
N ALA B 54 48.31 14.79 -2.68
CA ALA B 54 47.54 15.48 -1.66
C ALA B 54 47.74 14.74 -0.35
N SER B 55 47.44 15.39 0.78
CA SER B 55 47.75 14.80 2.09
C SER B 55 46.91 13.54 2.29
N GLY B 56 47.55 12.47 2.77
CA GLY B 56 46.88 11.21 3.01
C GLY B 56 46.66 10.42 1.71
N VAL B 57 47.37 10.81 0.61
CA VAL B 57 47.37 10.03 -0.61
C VAL B 57 48.60 9.12 -0.57
N PRO B 58 48.43 7.78 -0.71
CA PRO B 58 49.56 6.87 -0.61
C PRO B 58 50.63 7.10 -1.69
N ALA B 59 51.89 6.70 -1.35
CA ALA B 59 53.06 6.92 -2.18
C ALA B 59 53.05 6.02 -3.43
N ARG B 60 52.20 4.96 -3.41
CA ARG B 60 51.97 4.10 -4.56
C ARG B 60 51.48 4.95 -5.76
N PHE B 61 50.84 6.10 -5.46
CA PHE B 61 50.32 6.99 -6.47
C PHE B 61 51.44 7.95 -6.96
N SER B 62 51.52 8.13 -8.26
CA SER B 62 52.35 9.18 -8.83
C SER B 62 51.62 9.81 -9.99
N GLY B 63 51.98 11.02 -10.29
CA GLY B 63 51.45 11.72 -11.44
C GLY B 63 52.57 12.21 -12.32
N SER B 64 52.26 12.41 -13.61
CA SER B 64 53.26 12.89 -14.53
C SER B 64 52.61 13.47 -15.79
N GLY B 65 53.48 13.99 -16.68
CA GLY B 65 53.10 14.44 -18.00
C GLY B 65 53.34 15.92 -18.20
N SER B 66 53.05 16.38 -19.44
CA SER B 66 53.14 17.78 -19.82
C SER B 66 52.42 18.00 -21.15
N GLY B 67 52.25 19.27 -21.50
CA GLY B 67 51.63 19.63 -22.74
C GLY B 67 50.21 19.16 -22.80
N THR B 68 49.94 18.19 -23.69
CA THR B 68 48.60 17.74 -23.98
C THR B 68 48.38 16.29 -23.56
N SER B 69 49.30 15.72 -22.73
CA SER B 69 49.06 14.37 -22.23
C SER B 69 49.65 14.17 -20.83
N TYR B 70 48.77 13.69 -19.91
CA TYR B 70 49.12 13.50 -18.50
C TYR B 70 48.70 12.11 -18.06
N SER B 71 49.35 11.61 -17.01
CA SER B 71 49.04 10.28 -16.55
C SER B 71 49.06 10.22 -15.04
N LEU B 72 48.31 9.25 -14.52
CA LEU B 72 48.31 8.93 -13.11
C LEU B 72 48.65 7.45 -12.97
N THR B 73 49.70 7.16 -12.21
CA THR B 73 50.22 5.81 -12.13
C THR B 73 50.12 5.31 -10.70
N ILE B 74 49.77 4.01 -10.59
CA ILE B 74 49.75 3.31 -9.32
C ILE B 74 50.75 2.18 -9.43
N SER B 75 51.79 2.20 -8.57
CA SER B 75 52.91 1.28 -8.68
C SER B 75 52.44 -0.16 -8.41
N ARG B 76 51.70 -0.36 -7.30
CA ARG B 76 51.08 -1.66 -6.99
C ARG B 76 49.65 -1.39 -6.49
N VAL B 77 48.64 -1.83 -7.27
CA VAL B 77 47.24 -1.52 -6.99
C VAL B 77 46.75 -2.33 -5.78
N GLU B 78 45.94 -1.68 -4.94
CA GLU B 78 45.26 -2.29 -3.82
C GLU B 78 43.76 -2.13 -4.01
N ALA B 79 42.99 -2.92 -3.25
CA ALA B 79 41.52 -2.95 -3.33
C ALA B 79 40.92 -1.58 -3.00
N GLU B 80 41.56 -0.85 -2.05
CA GLU B 80 41.08 0.45 -1.59
C GLU B 80 41.19 1.50 -2.71
N ASP B 81 41.83 1.16 -3.84
CA ASP B 81 42.07 2.13 -4.93
C ASP B 81 40.85 2.19 -5.86
N ALA B 82 39.91 1.23 -5.69
CA ALA B 82 38.71 1.21 -6.53
C ALA B 82 37.89 2.48 -6.31
N ALA B 83 37.65 3.21 -7.42
CA ALA B 83 37.11 4.56 -7.40
C ALA B 83 37.18 5.16 -8.80
N THR B 84 36.62 6.39 -8.96
CA THR B 84 36.72 7.10 -10.23
C THR B 84 37.70 8.22 -10.10
N TYR B 85 38.55 8.37 -11.10
CA TYR B 85 39.64 9.33 -11.08
C TYR B 85 39.40 10.33 -12.17
N TYR B 86 39.38 11.59 -11.79
CA TYR B 86 39.06 12.67 -12.69
C TYR B 86 40.25 13.59 -12.80
N CYS B 87 40.57 13.99 -14.02
CA CYS B 87 41.56 15.02 -14.21
C CYS B 87 40.83 16.33 -14.46
N GLN B 88 41.54 17.42 -14.23
CA GLN B 88 40.99 18.74 -14.27
C GLN B 88 42.11 19.71 -14.56
N GLN B 89 41.80 20.70 -15.41
CA GLN B 89 42.76 21.73 -15.78
C GLN B 89 42.16 23.08 -15.47
N TRP B 90 43.03 24.06 -15.27
CA TRP B 90 42.66 25.44 -15.27
C TRP B 90 43.83 26.27 -15.73
N SER B 91 44.32 25.97 -16.92
CA SER B 91 45.32 26.78 -17.56
C SER B 91 44.65 27.92 -18.34
N SER B 92 43.47 27.62 -18.95
CA SER B 92 42.64 28.65 -19.60
C SER B 92 41.21 28.54 -19.06
N ASN B 93 40.47 29.65 -19.15
CA ASN B 93 39.07 29.65 -18.75
C ASN B 93 38.22 29.11 -19.91
N PRO B 94 37.16 28.29 -19.66
CA PRO B 94 36.78 27.85 -18.32
C PRO B 94 37.64 26.68 -17.83
N PRO B 95 37.72 26.43 -16.51
CA PRO B 95 38.29 25.16 -16.04
C PRO B 95 37.40 24.00 -16.48
N THR B 96 38.03 22.87 -16.79
CA THR B 96 37.30 21.70 -17.26
C THR B 96 37.81 20.44 -16.59
N PHE B 97 36.94 19.42 -16.62
CA PHE B 97 37.21 18.13 -16.06
C PHE B 97 37.05 17.07 -17.12
N GLY B 98 37.87 15.97 -17.00
CA GLY B 98 37.65 14.77 -17.79
C GLY B 98 36.44 13.99 -17.25
N ALA B 99 36.01 12.95 -18.00
CA ALA B 99 34.81 12.19 -17.72
C ALA B 99 35.05 11.08 -16.69
N GLY B 100 36.29 10.87 -16.35
CA GLY B 100 36.64 9.93 -15.30
C GLY B 100 37.14 8.59 -15.85
N THR B 101 38.10 8.01 -15.14
CA THR B 101 38.44 6.61 -15.30
C THR B 101 38.00 5.87 -14.04
N LYS B 102 37.11 4.88 -14.20
CA LYS B 102 36.71 4.03 -13.11
C LYS B 102 37.68 2.84 -13.03
N LEU B 103 38.38 2.73 -11.90
CA LEU B 103 39.29 1.65 -11.64
C LEU B 103 38.52 0.55 -10.94
N GLU B 104 38.37 -0.58 -11.60
CA GLU B 104 37.72 -1.76 -11.04
C GLU B 104 38.79 -2.79 -10.67
N LEU B 105 38.63 -3.41 -9.50
CA LEU B 105 39.59 -4.43 -9.12
C LEU B 105 39.03 -5.81 -9.35
N LYS B 106 39.95 -6.72 -9.75
CA LYS B 106 39.67 -8.12 -9.91
C LYS B 106 40.04 -8.87 -8.63
N ARG B 107 39.49 -10.07 -8.50
CA ARG B 107 39.64 -10.92 -7.33
C ARG B 107 39.06 -12.28 -7.67
N ALA B 108 39.05 -13.18 -6.70
CA ALA B 108 38.48 -14.51 -6.92
C ALA B 108 36.97 -14.40 -7.12
N ASP B 109 36.45 -15.31 -7.90
CA ASP B 109 35.04 -15.45 -8.02
C ASP B 109 34.48 -15.72 -6.63
N ALA B 110 33.27 -15.16 -6.39
CA ALA B 110 32.56 -15.30 -5.16
C ALA B 110 31.07 -15.41 -5.46
N ALA B 111 30.45 -16.45 -4.93
CA ALA B 111 29.03 -16.62 -5.00
C ALA B 111 28.38 -15.52 -4.19
N PRO B 112 27.22 -15.05 -4.62
CA PRO B 112 26.45 -14.13 -3.81
C PRO B 112 25.91 -14.80 -2.58
N THR B 113 25.93 -14.08 -1.46
CA THR B 113 25.06 -14.41 -0.35
C THR B 113 23.64 -13.91 -0.71
N VAL B 114 22.70 -14.84 -0.85
CA VAL B 114 21.36 -14.52 -1.33
C VAL B 114 20.39 -14.53 -0.15
N SER B 115 19.57 -13.47 -0.04
CA SER B 115 18.51 -13.35 0.98
C SER B 115 17.22 -12.92 0.30
N ILE B 116 16.13 -13.66 0.56
CA ILE B 116 14.80 -13.32 0.08
C ILE B 116 13.93 -12.91 1.27
N PHE B 117 13.05 -11.91 1.06
CA PHE B 117 12.22 -11.36 2.15
C PHE B 117 10.77 -11.25 1.74
N PRO B 118 9.83 -11.76 2.56
CA PRO B 118 8.40 -11.57 2.31
C PRO B 118 7.96 -10.13 2.65
N PRO B 119 6.91 -9.61 2.01
CA PRO B 119 6.39 -8.30 2.36
C PRO B 119 6.00 -8.20 3.83
N SER B 120 6.30 -7.07 4.46
CA SER B 120 5.90 -6.81 5.85
C SER B 120 4.36 -6.79 5.96
N SER B 121 3.88 -6.94 7.19
CA SER B 121 2.45 -6.91 7.48
C SER B 121 1.90 -5.54 7.16
N GLU B 122 2.64 -4.50 7.58
CA GLU B 122 2.33 -3.09 7.31
C GLU B 122 2.04 -2.89 5.82
N GLN B 123 2.91 -3.43 4.98
CA GLN B 123 2.80 -3.18 3.56
C GLN B 123 1.52 -3.85 3.01
N LEU B 124 1.28 -5.13 3.40
CA LEU B 124 0.15 -5.90 2.88
C LEU B 124 -1.19 -5.20 3.22
N THR B 125 -1.29 -4.68 4.47
CA THR B 125 -2.40 -3.86 4.93
C THR B 125 -2.59 -2.61 4.06
N SER B 126 -1.48 -2.07 3.53
CA SER B 126 -1.55 -0.88 2.68
C SER B 126 -1.65 -1.27 1.22
N GLY B 127 -1.93 -2.58 0.97
CA GLY B 127 -2.23 -3.06 -0.36
C GLY B 127 -0.98 -3.32 -1.19
N GLY B 128 0.20 -3.34 -0.55
CA GLY B 128 1.47 -3.48 -1.26
C GLY B 128 2.15 -4.79 -0.93
N ALA B 129 2.91 -5.32 -1.91
CA ALA B 129 3.65 -6.56 -1.74
C ALA B 129 4.96 -6.50 -2.51
N SER B 130 5.94 -5.78 -1.94
CA SER B 130 7.27 -5.74 -2.48
C SER B 130 8.00 -6.93 -1.95
N VAL B 131 8.43 -7.82 -2.86
CA VAL B 131 9.26 -8.96 -2.49
C VAL B 131 10.69 -8.63 -2.86
N VAL B 132 11.59 -8.72 -1.88
CA VAL B 132 12.94 -8.22 -2.03
C VAL B 132 13.93 -9.38 -1.90
N CYS B 133 14.94 -9.35 -2.79
CA CYS B 133 16.01 -10.28 -2.75
C CYS B 133 17.32 -9.51 -2.85
N PHE B 134 18.25 -9.80 -1.91
CA PHE B 134 19.62 -9.30 -1.96
C PHE B 134 20.56 -10.40 -2.48
N LEU B 135 21.46 -9.99 -3.37
CA LEU B 135 22.60 -10.79 -3.82
C LEU B 135 23.84 -10.02 -3.42
N ASN B 136 24.39 -10.36 -2.25
CA ASN B 136 25.41 -9.54 -1.60
C ASN B 136 26.84 -10.14 -1.80
N ASN B 137 27.80 -9.25 -2.10
CA ASN B 137 29.23 -9.57 -2.02
C ASN B 137 29.59 -10.69 -2.98
N PHE B 138 29.33 -10.50 -4.24
CA PHE B 138 29.63 -11.47 -5.26
C PHE B 138 30.62 -10.86 -6.22
N TYR B 139 31.20 -11.74 -7.06
CA TYR B 139 32.17 -11.36 -8.07
C TYR B 139 32.20 -12.46 -9.11
N PRO B 140 32.30 -12.16 -10.42
CA PRO B 140 32.35 -10.80 -10.96
C PRO B 140 31.00 -10.07 -10.95
N LYS B 141 31.01 -8.84 -11.46
CA LYS B 141 29.88 -7.91 -11.37
C LYS B 141 28.67 -8.41 -12.18
N ASP B 142 28.94 -9.10 -13.29
CA ASP B 142 27.89 -9.63 -14.14
C ASP B 142 27.30 -10.86 -13.50
N ILE B 143 26.01 -10.77 -13.17
CA ILE B 143 25.25 -11.85 -12.54
C ILE B 143 23.80 -11.73 -13.01
N ASN B 144 23.10 -12.85 -13.11
CA ASN B 144 21.71 -12.87 -13.53
C ASN B 144 20.83 -13.18 -12.33
N VAL B 145 19.62 -12.67 -12.32
CA VAL B 145 18.69 -13.01 -11.28
C VAL B 145 17.39 -13.31 -11.96
N LYS B 146 16.68 -14.32 -11.45
CA LYS B 146 15.40 -14.74 -11.97
C LYS B 146 14.46 -14.99 -10.82
N TRP B 147 13.20 -14.60 -11.03
CA TRP B 147 12.14 -14.82 -10.06
C TRP B 147 11.22 -15.92 -10.57
N LYS B 148 10.76 -16.77 -9.64
CA LYS B 148 9.70 -17.70 -9.92
C LYS B 148 8.61 -17.56 -8.86
N ILE B 149 7.37 -17.58 -9.31
CA ILE B 149 6.23 -17.59 -8.43
C ILE B 149 5.52 -18.91 -8.68
N ASP B 150 5.24 -19.64 -7.61
CA ASP B 150 4.62 -20.96 -7.74
C ASP B 150 5.28 -21.79 -8.87
N GLY B 151 6.60 -21.66 -9.03
CA GLY B 151 7.35 -22.50 -9.97
C GLY B 151 7.53 -21.88 -11.38
N SER B 152 6.78 -20.80 -11.71
CA SER B 152 6.86 -20.17 -13.04
C SER B 152 7.74 -18.95 -12.96
N GLU B 153 8.62 -18.77 -13.98
CA GLU B 153 9.43 -17.58 -14.09
C GLU B 153 8.51 -16.38 -14.32
N ARG B 154 8.71 -15.32 -13.50
CA ARG B 154 7.98 -14.05 -13.61
C ARG B 154 8.99 -12.95 -13.96
N GLN B 155 8.65 -12.12 -14.95
CA GLN B 155 9.60 -11.18 -15.51
C GLN B 155 9.15 -9.73 -15.25
N ASN B 156 7.84 -9.47 -15.36
CA ASN B 156 7.32 -8.10 -15.24
C ASN B 156 7.23 -7.71 -13.77
N GLY B 157 7.71 -6.50 -13.46
CA GLY B 157 7.68 -5.96 -12.11
C GLY B 157 8.98 -6.21 -11.33
N VAL B 158 10.03 -6.67 -12.04
CA VAL B 158 11.34 -6.91 -11.44
C VAL B 158 12.24 -5.72 -11.71
N LEU B 159 12.65 -5.00 -10.65
CA LEU B 159 13.58 -3.88 -10.80
C LEU B 159 14.85 -4.21 -10.02
N ASN B 160 16.03 -4.14 -10.71
CA ASN B 160 17.32 -4.44 -10.11
C ASN B 160 18.14 -3.16 -9.90
N SER B 161 18.87 -3.12 -8.80
CA SER B 161 19.74 -2.01 -8.46
C SER B 161 21.11 -2.57 -8.02
N TRP B 162 22.19 -2.11 -8.66
CA TRP B 162 23.56 -2.56 -8.38
C TRP B 162 24.32 -1.53 -7.56
N THR B 163 25.12 -2.00 -6.59
CA THR B 163 26.10 -1.11 -5.96
C THR B 163 27.34 -0.97 -6.85
N ASP B 164 28.22 -0.05 -6.45
CA ASP B 164 29.58 0.02 -6.99
C ASP B 164 30.45 -0.91 -6.15
N GLN B 165 31.67 -1.16 -6.63
CA GLN B 165 32.57 -2.13 -6.04
C GLN B 165 32.93 -1.73 -4.63
N ASP B 166 32.89 -2.70 -3.71
CA ASP B 166 33.24 -2.50 -2.32
C ASP B 166 34.75 -2.28 -2.22
N SER B 167 35.15 -1.23 -1.49
CA SER B 167 36.55 -0.82 -1.41
C SER B 167 37.38 -1.79 -0.58
N LYS B 168 36.73 -2.60 0.23
CA LYS B 168 37.44 -3.48 1.17
C LYS B 168 37.57 -4.88 0.57
N ASP B 169 36.49 -5.48 0.01
CA ASP B 169 36.54 -6.88 -0.42
C ASP B 169 36.43 -7.02 -1.95
N SER B 170 36.42 -5.88 -2.68
CA SER B 170 36.39 -5.84 -4.15
C SER B 170 35.15 -6.57 -4.77
N THR B 171 34.06 -6.72 -3.97
CA THR B 171 32.83 -7.38 -4.43
C THR B 171 31.75 -6.33 -4.82
N TYR B 172 30.71 -6.82 -5.52
CA TYR B 172 29.54 -6.04 -5.85
C TYR B 172 28.33 -6.61 -5.09
N SER B 173 27.26 -5.79 -4.95
CA SER B 173 25.97 -6.24 -4.42
C SER B 173 24.85 -5.71 -5.30
N MET B 174 23.69 -6.32 -5.20
CA MET B 174 22.56 -5.95 -6.01
C MET B 174 21.27 -6.30 -5.29
N SER B 175 20.25 -5.45 -5.46
CA SER B 175 18.90 -5.76 -5.00
C SER B 175 17.98 -6.01 -6.20
N SER B 176 17.19 -7.06 -6.11
CA SER B 176 16.18 -7.35 -7.07
C SER B 176 14.83 -7.30 -6.36
N THR B 177 13.93 -6.40 -6.82
CA THR B 177 12.66 -6.19 -6.14
C THR B 177 11.52 -6.56 -7.09
N LEU B 178 10.73 -7.58 -6.70
CA LEU B 178 9.49 -7.92 -7.37
C LEU B 178 8.34 -7.12 -6.73
N THR B 179 7.85 -6.12 -7.45
CA THR B 179 6.79 -5.27 -6.92
C THR B 179 5.42 -5.80 -7.32
N LEU B 180 4.74 -6.36 -6.34
CA LEU B 180 3.38 -6.83 -6.49
C LEU B 180 2.45 -5.96 -5.63
N THR B 181 1.17 -6.01 -5.97
CA THR B 181 0.14 -5.57 -5.06
C THR B 181 -0.13 -6.73 -4.14
N LYS B 182 -0.59 -6.43 -2.93
CA LYS B 182 -1.06 -7.44 -2.01
C LYS B 182 -2.00 -8.42 -2.74
N ASP B 183 -2.97 -7.90 -3.51
CA ASP B 183 -3.94 -8.79 -4.18
C ASP B 183 -3.20 -9.88 -5.00
N GLU B 184 -2.20 -9.46 -5.81
CA GLU B 184 -1.42 -10.36 -6.67
C GLU B 184 -0.61 -11.37 -5.82
N TYR B 185 0.04 -10.87 -4.78
CA TYR B 185 0.93 -11.68 -3.96
C TYR B 185 0.15 -12.78 -3.23
N GLU B 186 -1.12 -12.50 -2.89
CA GLU B 186 -1.91 -13.41 -2.04
C GLU B 186 -2.52 -14.56 -2.86
N ARG B 187 -2.44 -14.47 -4.18
CA ARG B 187 -2.91 -15.52 -5.06
C ARG B 187 -1.96 -16.72 -5.09
N HIS B 188 -0.69 -16.52 -4.66
CA HIS B 188 0.35 -17.53 -4.83
C HIS B 188 0.95 -17.87 -3.48
N ASN B 189 1.79 -18.94 -3.45
CA ASN B 189 2.37 -19.42 -2.20
C ASN B 189 3.91 -19.43 -2.22
N SER B 190 4.53 -19.84 -3.34
CA SER B 190 5.99 -20.02 -3.33
C SER B 190 6.64 -18.93 -4.17
N TYR B 191 7.61 -18.23 -3.55
CA TYR B 191 8.34 -17.13 -4.18
C TYR B 191 9.82 -17.44 -4.17
N THR B 192 10.43 -17.47 -5.36
CA THR B 192 11.82 -17.87 -5.47
C THR B 192 12.63 -16.81 -6.20
N CYS B 193 13.82 -16.54 -5.65
CA CYS B 193 14.86 -15.70 -6.22
C CYS B 193 16.06 -16.60 -6.58
N GLU B 194 16.50 -16.59 -7.87
CA GLU B 194 17.62 -17.44 -8.34
C GLU B 194 18.77 -16.60 -8.90
N ALA B 195 20.01 -16.87 -8.45
CA ALA B 195 21.19 -16.20 -8.97
C ALA B 195 22.01 -17.14 -9.86
N THR B 196 22.39 -16.68 -11.07
CA THR B 196 23.31 -17.40 -11.95
C THR B 196 24.44 -16.46 -12.38
N HIS B 197 25.73 -16.92 -12.24
CA HIS B 197 26.90 -16.18 -12.75
C HIS B 197 26.94 -16.32 -14.26
N SER B 202 24.61 -23.45 -13.07
CA SER B 202 24.33 -23.89 -11.66
C SER B 202 24.01 -22.69 -10.77
N PRO B 203 22.72 -22.48 -10.37
CA PRO B 203 22.33 -21.31 -9.63
C PRO B 203 22.38 -21.44 -8.11
N ILE B 204 22.22 -20.30 -7.47
CA ILE B 204 21.93 -20.22 -6.07
C ILE B 204 20.47 -19.79 -5.95
N VAL B 205 19.68 -20.54 -5.18
CA VAL B 205 18.26 -20.23 -5.06
C VAL B 205 17.92 -19.98 -3.60
N LYS B 206 16.89 -19.14 -3.39
CA LYS B 206 16.31 -18.89 -2.09
C LYS B 206 14.81 -18.75 -2.26
N SER B 207 14.06 -19.27 -1.31
CA SER B 207 12.61 -19.31 -1.39
C SER B 207 11.99 -19.06 -0.04
N PHE B 208 10.72 -18.63 -0.09
CA PHE B 208 9.83 -18.67 1.06
C PHE B 208 8.45 -19.12 0.59
N ASN B 209 7.64 -19.59 1.53
CA ASN B 209 6.26 -19.98 1.25
C ASN B 209 5.36 -19.08 2.06
N ARG B 210 4.38 -18.47 1.40
CA ARG B 210 3.54 -17.48 2.08
C ARG B 210 2.83 -18.13 3.27
N ASN B 211 2.43 -19.39 3.09
CA ASN B 211 1.60 -20.07 4.07
C ASN B 211 2.39 -20.37 5.36
N GLU B 212 3.72 -20.30 5.31
CA GLU B 212 4.53 -20.46 6.51
C GLU B 212 4.86 -19.07 7.10
N GLU C 1 -34.23 -16.74 27.68
CA GLU C 1 -33.50 -16.07 26.58
C GLU C 1 -32.80 -17.14 25.75
N VAL C 2 -33.57 -17.74 24.83
CA VAL C 2 -33.12 -18.84 23.99
C VAL C 2 -31.91 -18.38 23.14
N GLN C 3 -30.87 -19.25 23.07
CA GLN C 3 -29.74 -19.02 22.20
C GLN C 3 -29.56 -20.19 21.23
N LEU C 4 -29.07 -19.85 20.04
CA LEU C 4 -28.61 -20.81 19.05
C LEU C 4 -27.35 -20.20 18.44
N VAL C 5 -26.21 -20.89 18.59
CA VAL C 5 -24.92 -20.33 18.19
C VAL C 5 -24.23 -21.26 17.21
N GLU C 6 -24.10 -20.80 15.96
CA GLU C 6 -23.47 -21.57 14.90
C GLU C 6 -21.96 -21.37 14.97
N SER C 7 -21.21 -22.42 14.57
CA SER C 7 -19.76 -22.35 14.41
C SER C 7 -19.34 -23.29 13.31
N GLY C 8 -18.15 -23.05 12.73
CA GLY C 8 -17.54 -23.98 11.78
C GLY C 8 -17.59 -23.50 10.33
N GLY C 9 -18.20 -22.32 10.08
CA GLY C 9 -18.34 -21.79 8.73
C GLY C 9 -17.01 -21.24 8.19
N GLY C 10 -16.88 -21.20 6.85
CA GLY C 10 -15.64 -20.77 6.23
C GLY C 10 -15.56 -21.09 4.74
N LEU C 11 -14.36 -20.93 4.19
CA LEU C 11 -14.07 -21.24 2.82
C LEU C 11 -13.70 -22.74 2.70
N VAL C 12 -14.27 -23.42 1.69
CA VAL C 12 -13.95 -24.80 1.40
C VAL C 12 -14.02 -24.99 -0.11
N LYS C 13 -13.09 -25.77 -0.64
CA LYS C 13 -12.96 -25.99 -2.07
C LYS C 13 -14.18 -26.73 -2.61
N PRO C 14 -14.52 -26.54 -3.90
CA PRO C 14 -15.47 -27.42 -4.57
C PRO C 14 -15.11 -28.90 -4.39
N GLY C 15 -15.98 -29.64 -3.69
CA GLY C 15 -15.76 -31.05 -3.43
C GLY C 15 -15.33 -31.32 -1.99
N GLY C 16 -15.03 -30.26 -1.25
CA GLY C 16 -14.56 -30.40 0.12
C GLY C 16 -15.68 -30.77 1.09
N SER C 17 -15.29 -30.95 2.36
CA SER C 17 -16.21 -31.24 3.44
C SER C 17 -16.02 -30.21 4.54
N LEU C 18 -17.05 -30.05 5.37
CA LEU C 18 -17.06 -29.07 6.44
C LEU C 18 -18.17 -29.43 7.40
N LYS C 19 -17.94 -29.22 8.70
CA LYS C 19 -18.93 -29.57 9.70
C LYS C 19 -19.34 -28.34 10.52
N LEU C 20 -20.63 -28.04 10.50
CA LEU C 20 -21.20 -26.92 11.24
C LEU C 20 -21.66 -27.41 12.61
N SER C 21 -21.41 -26.60 13.65
CA SER C 21 -21.89 -26.90 14.98
C SER C 21 -22.87 -25.85 15.41
N CYS C 22 -23.77 -26.26 16.31
CA CYS C 22 -24.77 -25.36 16.85
C CYS C 22 -24.95 -25.68 18.34
N ALA C 23 -24.58 -24.71 19.20
CA ALA C 23 -24.69 -24.83 20.65
C ALA C 23 -26.03 -24.21 21.10
N ALA C 24 -26.98 -25.10 21.51
CA ALA C 24 -28.36 -24.71 21.85
C ALA C 24 -28.50 -24.47 23.35
N SER C 25 -29.43 -23.59 23.70
CA SER C 25 -29.45 -22.98 25.01
C SER C 25 -30.83 -22.39 25.28
N GLY C 26 -31.27 -22.46 26.55
CA GLY C 26 -32.49 -21.81 26.99
C GLY C 26 -33.79 -22.56 26.62
N PHE C 27 -33.68 -23.83 26.22
CA PHE C 27 -34.87 -24.69 26.03
C PHE C 27 -34.49 -26.16 26.24
N THR C 28 -35.50 -27.03 26.40
CA THR C 28 -35.30 -28.46 26.63
C THR C 28 -34.96 -29.12 25.30
N PHE C 29 -33.66 -29.07 24.95
CA PHE C 29 -33.14 -29.46 23.63
C PHE C 29 -33.76 -30.77 23.14
N SER C 30 -33.82 -31.78 24.03
CA SER C 30 -34.22 -33.14 23.66
C SER C 30 -35.72 -33.21 23.28
N ASP C 31 -36.55 -32.25 23.79
CA ASP C 31 -38.00 -32.26 23.50
C ASP C 31 -38.33 -31.32 22.34
N TYR C 32 -37.49 -31.34 21.27
CA TYR C 32 -37.68 -30.45 20.13
C TYR C 32 -37.04 -31.01 18.87
N TYR C 33 -37.74 -30.84 17.73
CA TYR C 33 -37.13 -31.03 16.42
C TYR C 33 -36.17 -29.87 16.18
N MET C 34 -35.04 -30.15 15.50
CA MET C 34 -34.08 -29.11 15.16
C MET C 34 -33.85 -29.12 13.67
N TYR C 35 -33.38 -28.00 13.16
CA TYR C 35 -33.34 -27.78 11.74
C TYR C 35 -32.10 -26.96 11.35
N TRP C 36 -31.63 -27.20 10.12
CA TRP C 36 -30.72 -26.29 9.45
C TRP C 36 -31.44 -25.60 8.29
N VAL C 37 -31.30 -24.25 8.22
CA VAL C 37 -31.83 -23.44 7.13
C VAL C 37 -30.70 -22.57 6.59
N ARG C 38 -30.66 -22.36 5.28
CA ARG C 38 -29.68 -21.47 4.66
C ARG C 38 -30.37 -20.30 3.93
N GLN C 39 -29.66 -19.16 3.84
CA GLN C 39 -30.08 -18.02 3.05
C GLN C 39 -29.00 -17.73 2.01
N THR C 40 -29.39 -17.77 0.72
CA THR C 40 -28.45 -17.63 -0.38
C THR C 40 -27.98 -16.18 -0.46
N PRO C 41 -26.92 -15.85 -1.24
CA PRO C 41 -26.56 -14.47 -1.48
C PRO C 41 -27.68 -13.68 -2.18
N GLU C 42 -28.61 -14.39 -2.88
CA GLU C 42 -29.83 -13.75 -3.42
C GLU C 42 -30.90 -13.58 -2.32
N LYS C 43 -30.54 -13.88 -1.05
CA LYS C 43 -31.39 -13.72 0.13
C LYS C 43 -32.52 -14.76 0.16
N ARG C 44 -32.41 -15.82 -0.66
CA ARG C 44 -33.45 -16.84 -0.70
C ARG C 44 -33.32 -17.75 0.50
N LEU C 45 -34.45 -18.07 1.19
CA LEU C 45 -34.44 -18.94 2.37
C LEU C 45 -34.77 -20.36 1.96
N GLU C 46 -33.85 -21.31 2.31
CA GLU C 46 -33.96 -22.71 1.97
C GLU C 46 -33.78 -23.59 3.19
N TRP C 47 -34.69 -24.57 3.33
CA TRP C 47 -34.56 -25.67 4.28
C TRP C 47 -33.51 -26.65 3.79
N VAL C 48 -32.66 -27.16 4.70
CA VAL C 48 -31.64 -28.13 4.32
C VAL C 48 -31.76 -29.44 5.15
N ALA C 49 -32.33 -29.38 6.37
CA ALA C 49 -32.31 -30.56 7.23
C ALA C 49 -33.31 -30.45 8.37
N THR C 50 -33.89 -31.62 8.69
CA THR C 50 -34.73 -31.82 9.86
C THR C 50 -34.17 -33.01 10.66
N ILE C 51 -34.22 -32.94 12.00
CA ILE C 51 -33.89 -34.09 12.84
C ILE C 51 -34.93 -34.25 13.95
N ASN C 52 -35.24 -35.53 14.23
CA ASN C 52 -36.21 -35.94 15.23
C ASN C 52 -35.68 -35.60 16.63
N ASP C 53 -36.62 -35.42 17.59
CA ASP C 53 -36.29 -35.08 18.98
C ASP C 53 -35.20 -36.02 19.55
N GLY C 54 -35.30 -37.33 19.21
CA GLY C 54 -34.38 -38.36 19.72
C GLY C 54 -33.20 -38.65 18.77
N GLY C 55 -33.28 -38.13 17.53
CA GLY C 55 -32.21 -38.33 16.54
C GLY C 55 -32.35 -39.67 15.83
N THR C 56 -33.60 -40.11 15.62
CA THR C 56 -33.92 -41.38 14.95
C THR C 56 -34.41 -41.13 13.52
N TYR C 57 -35.09 -39.97 13.30
CA TYR C 57 -35.65 -39.60 12.00
C TYR C 57 -34.99 -38.30 11.52
N THR C 58 -34.64 -38.27 10.21
CA THR C 58 -34.04 -37.10 9.58
C THR C 58 -34.48 -37.02 8.12
N TYR C 59 -34.90 -35.80 7.69
CA TYR C 59 -35.36 -35.56 6.33
C TYR C 59 -34.53 -34.42 5.72
N TYR C 60 -34.25 -34.55 4.41
CA TYR C 60 -33.51 -33.55 3.67
C TYR C 60 -34.26 -33.26 2.35
N PRO C 61 -34.14 -32.04 1.78
CA PRO C 61 -34.62 -31.79 0.42
C PRO C 61 -33.66 -32.49 -0.55
N ASP C 62 -34.14 -32.71 -1.78
CA ASP C 62 -33.46 -33.63 -2.70
C ASP C 62 -32.04 -33.17 -3.05
N SER C 63 -31.85 -31.85 -3.23
CA SER C 63 -30.56 -31.28 -3.66
C SER C 63 -29.45 -31.54 -2.63
N VAL C 64 -29.87 -31.84 -1.39
CA VAL C 64 -28.97 -32.02 -0.27
C VAL C 64 -28.89 -33.51 0.09
N LYS C 65 -30.09 -34.14 0.21
CA LYS C 65 -30.22 -35.56 0.47
C LYS C 65 -29.06 -36.32 -0.17
N GLY C 66 -28.23 -36.92 0.69
CA GLY C 66 -27.10 -37.73 0.24
C GLY C 66 -25.76 -37.06 0.51
N ARG C 67 -25.75 -35.72 0.64
CA ARG C 67 -24.50 -34.95 0.75
C ARG C 67 -24.35 -34.32 2.15
N PHE C 68 -25.50 -34.00 2.78
CA PHE C 68 -25.49 -33.43 4.12
C PHE C 68 -26.00 -34.46 5.12
N THR C 69 -25.52 -34.35 6.36
CA THR C 69 -25.95 -35.23 7.44
C THR C 69 -26.20 -34.40 8.70
N ILE C 70 -27.41 -34.48 9.22
CA ILE C 70 -27.76 -33.79 10.43
C ILE C 70 -27.67 -34.79 11.58
N SER C 71 -27.07 -34.35 12.69
CA SER C 71 -27.00 -35.14 13.90
C SER C 71 -27.13 -34.22 15.10
N ARG C 72 -27.35 -34.82 16.28
CA ARG C 72 -27.46 -34.05 17.51
C ARG C 72 -26.85 -34.83 18.67
N ASP C 73 -26.26 -34.09 19.59
CA ASP C 73 -25.75 -34.62 20.83
C ASP C 73 -26.62 -34.09 21.96
N ASN C 74 -27.63 -34.89 22.37
CA ASN C 74 -28.62 -34.42 23.35
C ASN C 74 -27.99 -34.20 24.73
N ALA C 75 -26.86 -34.87 25.02
CA ALA C 75 -26.16 -34.65 26.26
C ALA C 75 -25.49 -33.26 26.28
N LYS C 76 -24.94 -32.84 25.11
CA LYS C 76 -24.15 -31.60 25.03
C LYS C 76 -24.93 -30.46 24.36
N ASN C 77 -26.24 -30.67 24.12
CA ASN C 77 -27.10 -29.66 23.50
C ASN C 77 -26.42 -29.10 22.24
N ASN C 78 -26.01 -30.01 21.35
CA ASN C 78 -25.33 -29.61 20.13
C ASN C 78 -26.01 -30.23 18.93
N LEU C 79 -26.09 -29.43 17.86
CA LEU C 79 -26.60 -29.88 16.59
C LEU C 79 -25.49 -29.74 15.56
N TYR C 80 -25.46 -30.63 14.61
CA TYR C 80 -24.38 -30.65 13.64
C TYR C 80 -24.96 -30.72 12.24
N LEU C 81 -24.14 -30.30 11.28
CA LEU C 81 -24.41 -30.55 9.87
C LEU C 81 -23.11 -30.92 9.20
N GLN C 82 -22.94 -32.20 8.89
CA GLN C 82 -21.81 -32.62 8.10
C GLN C 82 -22.12 -32.32 6.66
N MET C 83 -21.18 -31.71 5.97
CA MET C 83 -21.38 -31.31 4.58
C MET C 83 -20.37 -32.04 3.72
N SER C 84 -20.83 -32.60 2.59
CA SER C 84 -19.98 -33.36 1.71
C SER C 84 -20.25 -33.00 0.27
N SER C 85 -19.23 -33.15 -0.58
CA SER C 85 -19.36 -32.94 -2.02
C SER C 85 -19.88 -31.55 -2.29
N LEU C 86 -19.20 -30.54 -1.74
CA LEU C 86 -19.68 -29.16 -1.70
C LEU C 86 -19.57 -28.53 -3.09
N LYS C 87 -20.69 -27.93 -3.54
CA LYS C 87 -20.78 -27.25 -4.83
C LYS C 87 -21.02 -25.75 -4.57
N SER C 88 -20.61 -24.88 -5.53
CA SER C 88 -20.70 -23.42 -5.34
C SER C 88 -22.13 -23.02 -4.92
N GLU C 89 -23.13 -23.84 -5.31
CA GLU C 89 -24.53 -23.57 -5.02
C GLU C 89 -24.85 -23.78 -3.53
N ASP C 90 -23.91 -24.34 -2.78
CA ASP C 90 -24.07 -24.53 -1.35
C ASP C 90 -23.66 -23.28 -0.59
N THR C 91 -23.02 -22.31 -1.29
CA THR C 91 -22.53 -21.09 -0.66
C THR C 91 -23.70 -20.28 -0.09
N ALA C 92 -23.70 -20.09 1.22
CA ALA C 92 -24.84 -19.46 1.87
C ALA C 92 -24.55 -19.24 3.34
N MET C 93 -25.45 -18.52 3.98
CA MET C 93 -25.42 -18.36 5.41
C MET C 93 -26.28 -19.47 6.01
N TYR C 94 -25.78 -20.13 7.05
CA TYR C 94 -26.40 -21.34 7.56
C TYR C 94 -26.87 -21.08 8.98
N PHE C 95 -28.16 -21.23 9.17
CA PHE C 95 -28.80 -21.06 10.46
C PHE C 95 -29.21 -22.43 11.01
N CYS C 96 -29.05 -22.62 12.33
CA CYS C 96 -29.76 -23.71 13.00
C CYS C 96 -31.06 -23.14 13.59
N ALA C 97 -32.04 -24.03 13.81
CA ALA C 97 -33.40 -23.57 14.12
C ALA C 97 -34.15 -24.62 14.95
N ARG C 98 -34.86 -24.12 15.99
CA ARG C 98 -35.68 -24.93 16.89
C ARG C 98 -37.12 -24.95 16.38
N GLY C 99 -37.95 -25.88 16.92
CA GLY C 99 -39.38 -25.92 16.65
C GLY C 99 -40.20 -25.24 17.76
N SER C 100 -41.52 -25.58 17.77
CA SER C 100 -42.57 -24.74 18.35
C SER C 100 -43.26 -25.35 19.59
N GLN C 101 -43.55 -26.66 19.53
CA GLN C 101 -44.32 -27.35 20.57
C GLN C 101 -45.83 -27.07 20.35
N ARG C 104 -46.31 -26.92 15.98
CA ARG C 104 -47.22 -26.43 14.90
C ARG C 104 -46.43 -26.27 13.58
N GLY C 105 -45.18 -25.78 13.65
CA GLY C 105 -44.28 -25.79 12.50
C GLY C 105 -43.47 -24.49 12.27
N GLU C 106 -43.49 -23.55 13.27
CA GLU C 106 -42.76 -22.28 13.15
C GLU C 106 -41.38 -22.44 13.78
N PHE C 107 -40.39 -21.84 13.15
CA PHE C 107 -39.06 -21.79 13.67
C PHE C 107 -39.04 -20.76 14.80
N ALA C 108 -39.26 -21.24 16.04
CA ALA C 108 -39.43 -20.38 17.21
C ALA C 108 -38.14 -19.60 17.56
N TYR C 109 -36.98 -20.06 17.07
CA TYR C 109 -35.73 -19.38 17.34
C TYR C 109 -34.72 -19.70 16.24
N TRP C 110 -33.85 -18.71 15.95
CA TRP C 110 -32.81 -18.81 14.93
C TRP C 110 -31.49 -18.39 15.53
N GLY C 111 -30.40 -19.01 15.08
CA GLY C 111 -29.07 -18.51 15.38
C GLY C 111 -28.74 -17.29 14.51
N GLN C 112 -27.61 -16.62 14.78
CA GLN C 112 -27.21 -15.44 14.02
C GLN C 112 -26.58 -15.86 12.68
N GLY C 113 -26.23 -17.14 12.52
CA GLY C 113 -25.78 -17.65 11.22
C GLY C 113 -24.26 -17.87 11.18
N THR C 114 -23.82 -18.71 10.20
CA THR C 114 -22.43 -18.99 9.93
C THR C 114 -22.24 -19.13 8.40
N LEU C 115 -21.34 -18.36 7.85
CA LEU C 115 -21.24 -18.27 6.40
C LEU C 115 -20.34 -19.38 5.85
N VAL C 116 -20.84 -20.02 4.80
CA VAL C 116 -20.13 -21.04 4.11
C VAL C 116 -19.92 -20.58 2.70
N THR C 117 -18.65 -20.52 2.28
CA THR C 117 -18.27 -20.08 0.96
C THR C 117 -17.56 -21.22 0.26
N VAL C 118 -18.14 -21.69 -0.85
CA VAL C 118 -17.55 -22.78 -1.61
C VAL C 118 -16.87 -22.20 -2.84
N SER C 119 -15.55 -22.10 -2.79
CA SER C 119 -14.79 -21.44 -3.85
C SER C 119 -13.36 -21.97 -3.90
N ALA C 120 -12.78 -21.98 -5.11
CA ALA C 120 -11.41 -22.41 -5.28
C ALA C 120 -10.45 -21.29 -4.88
N ALA C 121 -10.96 -20.01 -4.93
CA ALA C 121 -10.16 -18.83 -4.63
C ALA C 121 -9.63 -18.88 -3.20
N LYS C 122 -8.67 -18.01 -2.89
CA LYS C 122 -7.92 -18.11 -1.66
C LYS C 122 -8.26 -17.01 -0.70
N THR C 123 -8.10 -17.31 0.57
CA THR C 123 -8.23 -16.33 1.61
C THR C 123 -7.26 -15.19 1.35
N THR C 124 -7.82 -13.99 1.09
CA THR C 124 -7.03 -12.79 0.94
C THR C 124 -7.39 -11.82 2.05
N PRO C 125 -6.41 -11.29 2.79
CA PRO C 125 -6.68 -10.27 3.78
C PRO C 125 -6.98 -8.95 3.08
N PRO C 126 -7.75 -8.03 3.69
CA PRO C 126 -8.10 -6.78 3.04
C PRO C 126 -7.00 -5.75 3.13
N SER C 127 -6.85 -4.94 2.05
CA SER C 127 -6.21 -3.64 2.14
C SER C 127 -7.15 -2.74 2.94
N VAL C 128 -6.62 -1.91 3.83
CA VAL C 128 -7.43 -0.99 4.59
C VAL C 128 -6.91 0.41 4.32
N TYR C 129 -7.72 1.24 3.61
CA TYR C 129 -7.31 2.57 3.22
C TYR C 129 -8.18 3.61 3.90
N PRO C 130 -7.58 4.66 4.53
CA PRO C 130 -8.35 5.70 5.21
C PRO C 130 -8.97 6.69 4.23
N LEU C 131 -10.22 7.11 4.54
CA LEU C 131 -10.95 8.07 3.71
C LEU C 131 -11.14 9.37 4.52
N ALA C 132 -10.19 10.29 4.36
CA ALA C 132 -10.22 11.56 5.04
C ALA C 132 -10.31 12.69 4.03
N PRO C 133 -10.88 13.85 4.40
CA PRO C 133 -10.82 15.05 3.56
C PRO C 133 -9.38 15.63 3.47
N SER C 142 -20.41 18.98 11.02
CA SER C 142 -20.23 17.53 10.69
C SER C 142 -19.08 17.33 9.72
N VAL C 143 -18.22 16.36 10.04
CA VAL C 143 -17.24 15.82 9.08
C VAL C 143 -17.57 14.35 8.90
N THR C 144 -17.52 13.91 7.64
CA THR C 144 -17.69 12.52 7.30
C THR C 144 -16.32 11.93 6.95
N LEU C 145 -15.98 10.82 7.63
CA LEU C 145 -14.75 10.07 7.39
C LEU C 145 -15.12 8.68 6.91
N GLY C 146 -14.12 7.88 6.53
CA GLY C 146 -14.38 6.53 6.09
C GLY C 146 -13.13 5.68 6.04
N CYS C 147 -13.35 4.36 5.83
CA CYS C 147 -12.31 3.38 5.58
C CYS C 147 -12.74 2.50 4.42
N LEU C 148 -11.89 2.45 3.41
CA LEU C 148 -12.12 1.62 2.26
C LEU C 148 -11.43 0.30 2.51
N VAL C 149 -12.21 -0.79 2.47
CA VAL C 149 -11.76 -2.12 2.79
C VAL C 149 -11.81 -2.91 1.51
N LYS C 150 -10.64 -3.17 0.93
CA LYS C 150 -10.56 -3.54 -0.48
C LYS C 150 -9.71 -4.79 -0.66
N GLY C 151 -10.21 -5.71 -1.48
CA GLY C 151 -9.45 -6.84 -1.94
C GLY C 151 -9.37 -7.94 -0.89
N TYR C 152 -10.52 -8.38 -0.37
CA TYR C 152 -10.53 -9.46 0.61
C TYR C 152 -11.37 -10.61 0.06
N PHE C 153 -11.13 -11.80 0.61
CA PHE C 153 -11.93 -12.98 0.34
C PHE C 153 -11.69 -13.98 1.46
N PRO C 154 -12.70 -14.75 1.92
CA PRO C 154 -14.10 -14.56 1.53
C PRO C 154 -14.76 -13.48 2.39
N GLU C 155 -16.08 -13.38 2.31
CA GLU C 155 -16.84 -12.60 3.30
C GLU C 155 -16.64 -13.29 4.68
N SER C 156 -16.77 -12.56 5.82
CA SER C 156 -17.13 -11.15 5.88
C SER C 156 -16.07 -10.39 6.63
N VAL C 157 -16.16 -9.06 6.60
CA VAL C 157 -15.37 -8.18 7.44
C VAL C 157 -16.33 -7.45 8.36
N THR C 158 -15.84 -7.04 9.52
CA THR C 158 -16.60 -6.15 10.37
C THR C 158 -15.73 -4.94 10.70
N VAL C 159 -16.32 -3.75 10.45
CA VAL C 159 -15.65 -2.47 10.66
C VAL C 159 -16.37 -1.74 11.76
N THR C 160 -15.65 -1.44 12.84
CA THR C 160 -16.19 -0.61 13.92
C THR C 160 -15.34 0.64 14.02
N TRP C 161 -15.91 1.67 14.64
CA TRP C 161 -15.33 2.99 14.68
C TRP C 161 -15.00 3.38 16.11
N ASN C 162 -13.73 3.76 16.33
CA ASN C 162 -13.16 3.90 17.66
C ASN C 162 -13.47 2.64 18.49
N SER C 168 -23.42 4.78 15.76
CA SER C 168 -24.81 5.00 15.30
C SER C 168 -24.84 5.87 14.06
N SER C 169 -23.93 6.89 14.01
CA SER C 169 -23.79 7.77 12.83
C SER C 169 -22.84 7.11 11.80
N VAL C 170 -23.03 5.79 11.58
CA VAL C 170 -22.18 4.96 10.76
C VAL C 170 -23.00 4.41 9.60
N HIS C 171 -22.43 4.41 8.41
CA HIS C 171 -23.02 3.73 7.29
C HIS C 171 -22.07 2.63 6.85
N THR C 172 -22.57 1.39 6.88
CA THR C 172 -21.85 0.25 6.37
C THR C 172 -22.39 -0.09 4.98
N PHE C 173 -21.50 -0.09 3.96
CA PHE C 173 -21.91 -0.33 2.59
C PHE C 173 -21.68 -1.81 2.24
N PRO C 174 -22.70 -2.54 1.75
CA PRO C 174 -22.54 -3.96 1.45
C PRO C 174 -21.44 -4.22 0.44
N ALA C 175 -20.73 -5.32 0.62
CA ALA C 175 -19.61 -5.66 -0.21
C ALA C 175 -20.08 -6.04 -1.60
N LEU C 176 -19.29 -5.66 -2.61
CA LEU C 176 -19.50 -6.03 -4.01
C LEU C 176 -18.21 -6.68 -4.52
N LEU C 177 -18.30 -7.36 -5.67
CA LEU C 177 -17.17 -8.06 -6.26
C LEU C 177 -16.36 -7.12 -7.16
N GLN C 178 -15.17 -6.76 -6.69
CA GLN C 178 -14.21 -6.01 -7.49
C GLN C 178 -12.92 -6.84 -7.59
N SER C 179 -12.42 -7.01 -8.82
CA SER C 179 -11.15 -7.65 -9.08
C SER C 179 -11.09 -9.05 -8.45
N GLY C 180 -12.16 -9.84 -8.64
CA GLY C 180 -12.23 -11.21 -8.12
C GLY C 180 -12.32 -11.30 -6.59
N LEU C 181 -12.22 -10.16 -5.91
CA LEU C 181 -12.25 -10.09 -4.45
C LEU C 181 -13.45 -9.24 -4.04
N TYR C 182 -13.67 -9.12 -2.72
CA TYR C 182 -14.66 -8.21 -2.16
C TYR C 182 -14.01 -6.88 -1.84
N THR C 183 -14.83 -5.80 -1.95
CA THR C 183 -14.52 -4.49 -1.43
C THR C 183 -15.76 -3.95 -0.73
N MET C 184 -15.60 -3.46 0.48
CA MET C 184 -16.64 -2.64 1.09
C MET C 184 -16.02 -1.36 1.60
N SER C 185 -16.88 -0.43 2.02
CA SER C 185 -16.51 0.76 2.73
C SER C 185 -17.46 0.99 3.92
N SER C 186 -17.01 1.81 4.87
CA SER C 186 -17.83 2.28 5.98
C SER C 186 -17.57 3.79 6.17
N SER C 187 -18.61 4.51 6.61
CA SER C 187 -18.48 5.96 6.86
C SER C 187 -18.92 6.28 8.28
N VAL C 188 -18.25 7.23 8.88
CA VAL C 188 -18.68 7.77 10.15
C VAL C 188 -18.78 9.29 10.00
N THR C 189 -19.80 9.88 10.66
CA THR C 189 -20.03 11.31 10.69
C THR C 189 -19.91 11.76 12.14
N VAL C 190 -18.96 12.69 12.39
CA VAL C 190 -18.67 13.18 13.73
C VAL C 190 -18.73 14.69 13.71
N PRO C 191 -18.90 15.34 14.89
CA PRO C 191 -18.90 16.80 14.95
C PRO C 191 -17.53 17.31 14.57
N SER C 192 -17.50 18.38 13.78
CA SER C 192 -16.26 18.94 13.28
C SER C 192 -15.34 19.42 14.42
N SER C 193 -15.89 19.67 15.61
CA SER C 193 -15.08 20.07 16.76
C SER C 193 -14.46 18.83 17.44
N THR C 194 -14.78 17.62 16.92
CA THR C 194 -14.30 16.36 17.47
C THR C 194 -13.09 15.83 16.66
N TRP C 195 -12.97 16.25 15.39
CA TRP C 195 -11.91 15.75 14.53
C TRP C 195 -11.40 16.87 13.63
N PRO C 196 -10.06 16.99 13.42
CA PRO C 196 -9.06 16.05 13.93
C PRO C 196 -8.50 16.34 15.32
N SER C 197 -9.31 16.98 16.20
CA SER C 197 -8.86 17.28 17.56
C SER C 197 -8.80 16.00 18.41
N GLN C 198 -9.76 15.06 18.19
CA GLN C 198 -9.76 13.75 18.88
C GLN C 198 -9.43 12.65 17.88
N THR C 199 -8.90 11.51 18.39
CA THR C 199 -8.50 10.38 17.56
C THR C 199 -9.74 9.73 16.98
N VAL C 200 -9.74 9.53 15.65
CA VAL C 200 -10.77 8.74 14.98
C VAL C 200 -10.08 7.58 14.29
N THR C 201 -10.53 6.35 14.63
CA THR C 201 -9.92 5.11 14.17
C THR C 201 -11.00 4.16 13.69
N CYS C 202 -10.68 3.41 12.63
CA CYS C 202 -11.56 2.37 12.16
C CYS C 202 -10.86 1.03 12.37
N SER C 203 -11.58 0.07 12.97
CA SER C 203 -11.03 -1.26 13.26
C SER C 203 -11.68 -2.28 12.32
N VAL C 204 -10.83 -2.99 11.56
CA VAL C 204 -11.28 -3.89 10.51
C VAL C 204 -10.85 -5.31 10.87
N ALA C 205 -11.82 -6.24 10.84
CA ALA C 205 -11.58 -7.62 11.22
C ALA C 205 -12.02 -8.55 10.09
N HIS C 206 -11.08 -9.35 9.58
CA HIS C 206 -11.37 -10.36 8.60
C HIS C 206 -11.01 -11.69 9.24
N PRO C 207 -11.88 -12.23 10.13
CA PRO C 207 -11.57 -13.47 10.86
C PRO C 207 -10.95 -14.60 10.00
N ALA C 208 -11.44 -14.75 8.75
CA ALA C 208 -10.98 -15.80 7.83
C ALA C 208 -9.46 -15.73 7.64
N SER C 209 -8.87 -14.53 7.78
CA SER C 209 -7.44 -14.36 7.69
C SER C 209 -6.86 -14.03 9.08
N SER C 210 -7.65 -14.27 10.13
CA SER C 210 -7.30 -13.88 11.49
C SER C 210 -6.58 -12.52 11.51
N THR C 211 -7.10 -11.54 10.74
CA THR C 211 -6.47 -10.23 10.63
C THR C 211 -7.33 -9.18 11.31
N THR C 212 -6.70 -8.37 12.15
CA THR C 212 -7.31 -7.18 12.71
C THR C 212 -6.41 -5.99 12.34
N VAL C 213 -7.02 -4.88 11.88
CA VAL C 213 -6.25 -3.70 11.48
C VAL C 213 -6.94 -2.45 12.02
N ASP C 214 -6.16 -1.58 12.68
CA ASP C 214 -6.62 -0.26 13.12
C ASP C 214 -5.98 0.79 12.25
N LYS C 215 -6.79 1.75 11.83
CA LYS C 215 -6.33 2.85 11.03
C LYS C 215 -6.80 4.14 11.68
N LYS C 216 -5.85 4.97 12.06
CA LYS C 216 -6.12 6.32 12.51
C LYS C 216 -6.44 7.19 11.29
N LEU C 217 -7.54 7.93 11.35
CA LEU C 217 -7.86 8.94 10.33
C LEU C 217 -7.13 10.23 10.66
N GLU C 218 -6.38 10.76 9.70
CA GLU C 218 -5.64 11.99 9.92
C GLU C 218 -5.80 12.89 8.69
N PRO C 219 -5.71 14.24 8.85
CA PRO C 219 -5.91 15.16 7.73
C PRO C 219 -4.81 15.05 6.69
N SER C 220 -5.19 15.19 5.40
CA SER C 220 -4.27 15.05 4.26
C SER C 220 -3.23 16.19 4.24
N ILE D 2 -44.87 -27.18 -1.65
CA ILE D 2 -45.72 -25.95 -1.53
C ILE D 2 -44.85 -24.74 -1.90
N VAL D 3 -45.26 -24.00 -2.94
CA VAL D 3 -44.64 -22.72 -3.28
C VAL D 3 -45.41 -21.64 -2.55
N LEU D 4 -44.68 -20.66 -1.98
CA LEU D 4 -45.28 -19.54 -1.25
C LEU D 4 -44.98 -18.24 -2.01
N SER D 5 -46.03 -17.65 -2.59
CA SER D 5 -45.91 -16.45 -3.38
C SER D 5 -46.26 -15.24 -2.52
N GLN D 6 -45.27 -14.36 -2.27
CA GLN D 6 -45.49 -13.17 -1.47
C GLN D 6 -45.72 -11.98 -2.38
N SER D 7 -46.71 -11.14 -2.01
CA SER D 7 -47.04 -9.92 -2.76
C SER D 7 -47.34 -8.75 -1.82
N PRO D 8 -46.81 -7.53 -2.13
CA PRO D 8 -45.97 -7.31 -3.30
C PRO D 8 -44.50 -7.64 -3.03
N ALA D 9 -43.66 -7.42 -4.04
CA ALA D 9 -42.22 -7.59 -3.88
C ALA D 9 -41.68 -6.48 -2.96
N ILE D 10 -42.03 -5.25 -3.29
CA ILE D 10 -41.71 -4.10 -2.46
C ILE D 10 -43.02 -3.36 -2.16
N LEU D 11 -43.28 -3.13 -0.85
CA LEU D 11 -44.46 -2.43 -0.39
C LEU D 11 -44.06 -1.04 0.15
N SER D 12 -44.31 -0.01 -0.66
CA SER D 12 -43.99 1.37 -0.29
C SER D 12 -45.15 1.95 0.53
N ALA D 13 -44.84 2.40 1.74
CA ALA D 13 -45.86 2.83 2.67
C ALA D 13 -45.44 4.10 3.38
N SER D 14 -46.36 5.07 3.45
CA SER D 14 -46.14 6.32 4.16
C SER D 14 -46.41 6.11 5.65
N PRO D 15 -45.69 6.84 6.56
CA PRO D 15 -45.90 6.71 8.01
C PRO D 15 -47.33 6.93 8.44
N GLY D 16 -47.81 6.07 9.33
CA GLY D 16 -49.17 6.15 9.86
C GLY D 16 -50.20 5.50 8.95
N GLU D 17 -49.75 4.93 7.82
CA GLU D 17 -50.63 4.36 6.81
C GLU D 17 -50.90 2.88 7.12
N LYS D 18 -52.06 2.38 6.67
CA LYS D 18 -52.44 0.99 6.85
C LYS D 18 -52.11 0.21 5.59
N VAL D 19 -51.41 -0.94 5.77
CA VAL D 19 -50.95 -1.77 4.67
C VAL D 19 -51.12 -3.25 5.00
N THR D 20 -51.31 -4.03 3.93
CA THR D 20 -51.44 -5.46 3.97
C THR D 20 -50.51 -6.05 2.92
N MET D 21 -49.80 -7.13 3.30
CA MET D 21 -49.02 -7.90 2.35
C MET D 21 -49.59 -9.32 2.38
N THR D 22 -49.45 -10.04 1.25
CA THR D 22 -50.16 -11.30 1.08
C THR D 22 -49.18 -12.45 0.86
N CYS D 23 -49.57 -13.63 1.38
CA CYS D 23 -48.84 -14.86 1.19
C CYS D 23 -49.83 -15.92 0.70
N ARG D 24 -49.60 -16.39 -0.54
CA ARG D 24 -50.48 -17.34 -1.19
C ARG D 24 -49.74 -18.66 -1.36
N ALA D 25 -50.29 -19.73 -0.76
CA ALA D 25 -49.74 -21.07 -0.87
C ALA D 25 -50.30 -21.76 -2.11
N SER D 26 -49.48 -22.61 -2.74
CA SER D 26 -49.89 -23.36 -3.93
C SER D 26 -50.79 -24.53 -3.52
N SER D 27 -50.67 -24.94 -2.25
CA SER D 27 -51.42 -26.06 -1.70
C SER D 27 -51.89 -25.68 -0.29
N SER D 28 -52.86 -26.44 0.26
CA SER D 28 -53.47 -26.11 1.56
C SER D 28 -52.46 -26.21 2.70
N VAL D 29 -52.55 -25.26 3.66
CA VAL D 29 -51.70 -25.25 4.84
C VAL D 29 -52.57 -24.96 6.06
N SER D 30 -52.22 -25.54 7.19
CA SER D 30 -53.05 -25.40 8.38
C SER D 30 -52.75 -24.10 9.09
N TYR D 31 -51.46 -23.67 9.06
CA TYR D 31 -51.02 -22.45 9.72
C TYR D 31 -49.94 -21.76 8.88
N MET D 32 -49.87 -20.43 8.97
CA MET D 32 -48.81 -19.70 8.32
C MET D 32 -48.08 -18.90 9.38
N HIS D 33 -46.76 -18.89 9.29
CA HIS D 33 -45.90 -18.15 10.20
C HIS D 33 -45.29 -16.99 9.44
N TRP D 34 -44.89 -15.94 10.17
CA TRP D 34 -44.28 -14.76 9.58
C TRP D 34 -43.06 -14.35 10.40
N TYR D 35 -42.02 -13.94 9.69
CA TYR D 35 -40.77 -13.52 10.28
C TYR D 35 -40.35 -12.19 9.68
N GLN D 36 -39.76 -11.34 10.54
CA GLN D 36 -39.18 -10.07 10.13
C GLN D 36 -37.65 -10.21 10.12
N GLN D 37 -37.02 -9.76 9.05
CA GLN D 37 -35.56 -9.74 8.96
C GLN D 37 -35.08 -8.34 8.63
N LYS D 38 -34.31 -7.75 9.54
CA LYS D 38 -33.53 -6.55 9.23
C LYS D 38 -32.15 -6.99 8.74
N PRO D 39 -31.46 -6.15 7.93
CA PRO D 39 -30.12 -6.48 7.42
C PRO D 39 -29.12 -6.82 8.51
N GLY D 40 -28.21 -7.75 8.22
CA GLY D 40 -27.13 -8.10 9.12
C GLY D 40 -27.57 -8.99 10.28
N SER D 41 -28.80 -9.56 10.22
CA SER D 41 -29.27 -10.46 11.27
C SER D 41 -30.30 -11.46 10.72
N SER D 42 -30.58 -12.46 11.52
CA SER D 42 -31.38 -13.56 11.10
C SER D 42 -32.85 -13.22 11.24
N PRO D 43 -33.74 -13.91 10.49
CA PRO D 43 -35.19 -13.69 10.61
C PRO D 43 -35.69 -13.89 12.02
N LYS D 44 -36.48 -12.89 12.51
CA LYS D 44 -37.03 -12.94 13.86
C LYS D 44 -38.49 -13.41 13.79
N PRO D 45 -38.92 -14.34 14.68
CA PRO D 45 -40.32 -14.74 14.73
C PRO D 45 -41.19 -13.48 14.96
N TRP D 46 -42.28 -13.36 14.19
CA TRP D 46 -43.08 -12.14 14.22
C TRP D 46 -44.56 -12.51 14.46
N ILE D 47 -45.08 -13.43 13.66
CA ILE D 47 -46.42 -13.95 13.88
C ILE D 47 -46.39 -15.46 13.77
N TYR D 48 -46.95 -16.14 14.79
CA TYR D 48 -47.00 -17.60 14.80
C TYR D 48 -48.44 -18.03 14.64
N ALA D 49 -48.60 -19.21 14.02
CA ALA D 49 -49.87 -19.89 13.82
C ALA D 49 -50.92 -18.90 13.31
N THR D 50 -50.58 -18.16 12.25
CA THR D 50 -51.52 -17.33 11.49
C THR D 50 -51.83 -15.99 12.20
N PHE D 51 -52.24 -16.06 13.48
CA PHE D 51 -52.92 -14.96 14.16
C PHE D 51 -52.15 -14.40 15.35
N ASN D 52 -51.04 -15.05 15.74
CA ASN D 52 -50.46 -14.79 17.06
C ASN D 52 -49.18 -13.96 16.96
N LEU D 53 -49.15 -12.82 17.64
CA LEU D 53 -47.95 -12.00 17.71
C LEU D 53 -46.95 -12.66 18.64
N ALA D 54 -45.70 -12.74 18.18
CA ALA D 54 -44.57 -13.16 19.02
C ALA D 54 -44.34 -12.11 20.12
N SER D 55 -43.72 -12.51 21.22
CA SER D 55 -43.55 -11.64 22.38
C SER D 55 -42.67 -10.41 22.01
N GLY D 56 -43.15 -9.20 22.37
CA GLY D 56 -42.41 -7.96 22.09
C GLY D 56 -42.79 -7.30 20.74
N VAL D 57 -43.61 -8.01 19.92
CA VAL D 57 -44.08 -7.46 18.64
C VAL D 57 -45.25 -6.48 18.92
N PRO D 58 -45.22 -5.23 18.35
CA PRO D 58 -46.29 -4.24 18.62
C PRO D 58 -47.66 -4.63 18.06
N ALA D 59 -48.72 -4.09 18.74
CA ALA D 59 -50.13 -4.42 18.48
C ALA D 59 -50.57 -3.95 17.10
N ARG D 60 -49.79 -3.05 16.51
CA ARG D 60 -50.02 -2.56 15.16
C ARG D 60 -50.04 -3.75 14.16
N PHE D 61 -49.19 -4.74 14.41
CA PHE D 61 -49.09 -5.89 13.54
C PHE D 61 -50.22 -6.83 13.79
N SER D 62 -50.81 -7.37 12.71
CA SER D 62 -51.70 -8.49 12.82
C SER D 62 -51.59 -9.38 11.59
N GLY D 63 -52.06 -10.60 11.76
CA GLY D 63 -52.12 -11.56 10.68
C GLY D 63 -53.44 -12.31 10.67
N SER D 64 -53.78 -12.82 9.49
CA SER D 64 -55.04 -13.51 9.29
C SER D 64 -54.96 -14.33 8.01
N GLY D 65 -56.07 -15.01 7.71
CA GLY D 65 -56.19 -15.78 6.51
C GLY D 65 -56.34 -17.27 6.82
N SER D 66 -56.48 -18.06 5.76
CA SER D 66 -56.70 -19.49 5.87
C SER D 66 -56.56 -20.12 4.49
N GLY D 67 -56.35 -21.45 4.47
CA GLY D 67 -56.33 -22.23 3.25
C GLY D 67 -55.05 -22.04 2.45
N THR D 68 -55.17 -21.35 1.32
CA THR D 68 -54.05 -21.05 0.47
C THR D 68 -53.68 -19.55 0.54
N SER D 69 -54.39 -18.77 1.40
CA SER D 69 -54.40 -17.32 1.30
C SER D 69 -54.25 -16.68 2.69
N TYR D 70 -53.07 -16.06 2.94
CA TYR D 70 -52.76 -15.46 4.24
C TYR D 70 -52.29 -14.03 4.05
N SER D 71 -52.28 -13.27 5.15
CA SER D 71 -51.94 -11.87 5.08
C SER D 71 -51.30 -11.41 6.38
N LEU D 72 -50.58 -10.29 6.26
CA LEU D 72 -50.02 -9.59 7.40
C LEU D 72 -50.36 -8.12 7.24
N THR D 73 -50.93 -7.52 8.30
CA THR D 73 -51.37 -6.15 8.26
C THR D 73 -50.66 -5.34 9.34
N ILE D 74 -50.31 -4.08 8.98
CA ILE D 74 -49.78 -3.08 9.89
C ILE D 74 -50.72 -1.90 9.83
N SER D 75 -51.39 -1.62 10.95
CA SER D 75 -52.51 -0.67 10.96
C SER D 75 -52.00 0.76 10.74
N ARG D 76 -50.91 1.15 11.46
CA ARG D 76 -50.26 2.44 11.30
C ARG D 76 -48.73 2.23 11.27
N VAL D 77 -48.15 2.24 10.03
CA VAL D 77 -46.76 1.90 9.81
C VAL D 77 -45.85 2.97 10.44
N GLU D 78 -44.78 2.51 11.13
CA GLU D 78 -43.75 3.38 11.68
C GLU D 78 -42.41 3.13 10.96
N ALA D 79 -41.44 4.02 11.21
CA ALA D 79 -40.12 4.00 10.58
C ALA D 79 -39.38 2.69 10.86
N GLU D 80 -39.53 2.19 12.09
CA GLU D 80 -38.82 1.00 12.54
C GLU D 80 -39.35 -0.28 11.86
N ASP D 81 -40.48 -0.19 11.13
CA ASP D 81 -41.06 -1.36 10.46
C ASP D 81 -40.34 -1.66 9.13
N ALA D 82 -39.46 -0.74 8.65
CA ALA D 82 -38.68 -1.01 7.45
C ALA D 82 -37.88 -2.31 7.66
N ALA D 83 -38.11 -3.28 6.78
CA ALA D 83 -37.61 -4.63 6.96
C ALA D 83 -38.17 -5.52 5.85
N THR D 84 -37.69 -6.77 5.81
CA THR D 84 -38.25 -7.77 4.93
C THR D 84 -39.06 -8.73 5.76
N TYR D 85 -40.26 -9.07 5.25
CA TYR D 85 -41.19 -9.91 5.96
C TYR D 85 -41.38 -11.18 5.15
N TYR D 86 -41.11 -12.32 5.77
CA TYR D 86 -41.18 -13.60 5.11
C TYR D 86 -42.28 -14.40 5.75
N CYS D 87 -43.02 -15.14 4.92
CA CYS D 87 -43.95 -16.14 5.39
C CYS D 87 -43.31 -17.51 5.19
N GLN D 88 -43.74 -18.48 6.01
CA GLN D 88 -43.20 -19.84 5.99
C GLN D 88 -44.21 -20.81 6.57
N GLN D 89 -44.39 -21.97 5.89
CA GLN D 89 -45.36 -23.01 6.32
C GLN D 89 -44.61 -24.29 6.70
N TRP D 90 -45.32 -25.19 7.44
CA TRP D 90 -44.80 -26.51 7.83
C TRP D 90 -45.99 -27.45 8.06
N SER D 91 -46.88 -27.49 7.05
CA SER D 91 -48.06 -28.34 7.06
C SER D 91 -47.70 -29.71 6.51
N SER D 92 -46.89 -29.71 5.44
CA SER D 92 -46.37 -30.93 4.83
C SER D 92 -44.88 -30.73 4.51
N ASN D 93 -44.10 -31.82 4.72
CA ASN D 93 -42.68 -31.84 4.38
C ASN D 93 -42.57 -31.60 2.86
N PRO D 94 -41.65 -30.72 2.37
CA PRO D 94 -40.72 -29.98 3.23
C PRO D 94 -41.25 -28.61 3.67
N PRO D 95 -40.77 -28.04 4.80
CA PRO D 95 -41.05 -26.64 5.12
C PRO D 95 -40.54 -25.70 4.01
N THR D 96 -41.32 -24.66 3.68
CA THR D 96 -40.98 -23.76 2.60
C THR D 96 -41.17 -22.32 3.04
N PHE D 97 -40.48 -21.40 2.35
CA PHE D 97 -40.53 -19.97 2.66
C PHE D 97 -40.98 -19.19 1.45
N GLY D 98 -41.62 -18.05 1.68
CA GLY D 98 -41.89 -17.10 0.61
C GLY D 98 -40.63 -16.28 0.29
N ALA D 99 -40.65 -15.54 -0.81
CA ALA D 99 -39.48 -14.78 -1.26
C ALA D 99 -39.33 -13.48 -0.47
N GLY D 100 -40.32 -13.17 0.38
CA GLY D 100 -40.26 -12.01 1.22
C GLY D 100 -40.88 -10.75 0.58
N THR D 101 -41.47 -9.91 1.44
CA THR D 101 -41.95 -8.60 1.06
C THR D 101 -41.14 -7.58 1.82
N LYS D 102 -40.49 -6.68 1.10
CA LYS D 102 -39.71 -5.63 1.72
C LYS D 102 -40.60 -4.42 1.89
N LEU D 103 -40.76 -3.98 3.14
CA LEU D 103 -41.58 -2.83 3.44
C LEU D 103 -40.70 -1.59 3.43
N GLU D 104 -41.05 -0.63 2.56
CA GLU D 104 -40.33 0.61 2.43
C GLU D 104 -41.17 1.75 2.97
N LEU D 105 -40.54 2.60 3.78
CA LEU D 105 -41.20 3.74 4.36
C LEU D 105 -41.00 4.94 3.46
N LYS D 106 -42.10 5.70 3.25
CA LYS D 106 -42.07 6.92 2.48
C LYS D 106 -41.80 8.10 3.39
N ARG D 107 -41.18 9.12 2.83
CA ARG D 107 -40.88 10.32 3.56
C ARG D 107 -40.64 11.43 2.53
N ALA D 108 -40.39 12.64 2.99
CA ALA D 108 -40.14 13.72 2.08
C ALA D 108 -38.79 13.46 1.41
N ASP D 109 -38.69 13.89 0.14
CA ASP D 109 -37.47 13.79 -0.59
C ASP D 109 -36.39 14.47 0.24
N ALA D 110 -35.19 13.90 0.21
CA ALA D 110 -34.04 14.50 0.86
C ALA D 110 -32.81 14.34 -0.02
N ALA D 111 -32.06 15.41 -0.18
CA ALA D 111 -30.89 15.38 -1.01
C ALA D 111 -29.74 14.76 -0.20
N PRO D 112 -28.75 14.10 -0.85
CA PRO D 112 -27.67 13.45 -0.13
C PRO D 112 -26.67 14.41 0.42
N THR D 113 -26.13 14.09 1.60
CA THR D 113 -24.91 14.70 2.05
C THR D 113 -23.78 14.00 1.32
N VAL D 114 -23.07 14.76 0.46
CA VAL D 114 -22.06 14.20 -0.42
C VAL D 114 -20.70 14.55 0.09
N SER D 115 -19.84 13.51 0.21
CA SER D 115 -18.46 13.65 0.58
C SER D 115 -17.60 12.92 -0.47
N ILE D 116 -16.54 13.58 -0.95
CA ILE D 116 -15.57 12.97 -1.88
C ILE D 116 -14.21 12.90 -1.19
N PHE D 117 -13.41 11.86 -1.58
CA PHE D 117 -12.15 11.48 -0.93
C PHE D 117 -11.13 11.10 -1.98
N PRO D 118 -9.91 11.69 -1.94
CA PRO D 118 -8.81 11.28 -2.82
C PRO D 118 -8.36 9.86 -2.58
N PRO D 119 -7.58 9.27 -3.51
CA PRO D 119 -6.84 8.07 -3.20
C PRO D 119 -5.97 8.36 -1.98
N SER D 120 -5.93 7.44 -1.01
CA SER D 120 -5.03 7.56 0.13
C SER D 120 -3.60 7.41 -0.34
N SER D 121 -2.68 8.04 0.40
CA SER D 121 -1.27 7.94 0.08
C SER D 121 -0.81 6.48 0.19
N GLU D 122 -1.37 5.74 1.17
CA GLU D 122 -1.13 4.31 1.28
C GLU D 122 -1.36 3.62 -0.07
N GLN D 123 -2.59 3.76 -0.60
CA GLN D 123 -2.98 3.09 -1.84
C GLN D 123 -2.07 3.57 -3.02
N LEU D 124 -1.71 4.88 -3.02
CA LEU D 124 -0.90 5.44 -4.09
C LEU D 124 0.51 4.80 -4.09
N THR D 125 1.09 4.64 -2.90
CA THR D 125 2.36 3.94 -2.74
C THR D 125 2.27 2.55 -3.40
N SER D 126 1.12 1.86 -3.23
CA SER D 126 0.93 0.49 -3.72
C SER D 126 0.56 0.44 -5.22
N GLY D 127 0.45 1.61 -5.89
CA GLY D 127 0.24 1.64 -7.34
C GLY D 127 -1.24 1.74 -7.74
N GLY D 128 -2.12 1.89 -6.73
CA GLY D 128 -3.59 1.93 -6.95
C GLY D 128 -4.19 3.31 -6.73
N ALA D 129 -5.37 3.51 -7.27
CA ALA D 129 -6.06 4.78 -7.17
C ALA D 129 -7.57 4.59 -7.17
N SER D 130 -8.15 4.58 -5.95
CA SER D 130 -9.59 4.54 -5.76
C SER D 130 -10.07 5.92 -5.30
N VAL D 131 -11.01 6.50 -6.05
CA VAL D 131 -11.68 7.73 -5.63
C VAL D 131 -13.07 7.36 -5.11
N VAL D 132 -13.41 7.80 -3.88
CA VAL D 132 -14.66 7.39 -3.20
C VAL D 132 -15.53 8.61 -2.96
N CYS D 133 -16.82 8.41 -3.18
CA CYS D 133 -17.86 9.38 -2.93
C CYS D 133 -18.96 8.72 -2.10
N PHE D 134 -19.34 9.30 -0.97
CA PHE D 134 -20.54 8.85 -0.24
C PHE D 134 -21.70 9.81 -0.50
N LEU D 135 -22.86 9.24 -0.86
CA LEU D 135 -24.15 9.96 -0.92
C LEU D 135 -24.97 9.50 0.28
N ASN D 136 -25.01 10.32 1.31
CA ASN D 136 -25.50 9.87 2.59
C ASN D 136 -26.84 10.51 2.94
N ASN D 137 -27.75 9.66 3.45
CA ASN D 137 -28.98 10.10 4.12
C ASN D 137 -29.92 10.81 3.18
N PHE D 138 -30.41 10.09 2.15
CA PHE D 138 -31.19 10.71 1.08
C PHE D 138 -32.44 9.89 0.76
N TYR D 139 -33.39 10.53 0.01
CA TYR D 139 -34.64 9.87 -0.40
C TYR D 139 -35.17 10.50 -1.70
N PRO D 140 -35.69 9.76 -2.73
CA PRO D 140 -35.83 8.27 -2.72
C PRO D 140 -34.55 7.49 -3.05
N LYS D 141 -34.67 6.15 -3.15
CA LYS D 141 -33.53 5.25 -3.27
C LYS D 141 -32.79 5.44 -4.60
N ASP D 142 -33.52 5.53 -5.71
CA ASP D 142 -32.92 5.46 -7.03
C ASP D 142 -32.35 6.82 -7.43
N ILE D 143 -31.23 7.17 -6.84
CA ILE D 143 -30.47 8.32 -7.25
C ILE D 143 -29.52 7.83 -8.35
N ASN D 144 -28.97 8.79 -9.14
CA ASN D 144 -27.95 8.53 -10.15
C ASN D 144 -26.66 9.23 -9.72
N VAL D 145 -25.51 8.56 -9.90
CA VAL D 145 -24.23 9.19 -9.61
C VAL D 145 -23.39 9.14 -10.90
N LYS D 146 -22.67 10.23 -11.16
CA LYS D 146 -21.78 10.35 -12.30
C LYS D 146 -20.43 10.88 -11.86
N TRP D 147 -19.41 10.46 -12.57
CA TRP D 147 -18.07 10.85 -12.30
C TRP D 147 -17.55 11.67 -13.47
N LYS D 148 -16.82 12.72 -13.15
CA LYS D 148 -16.17 13.51 -14.16
C LYS D 148 -14.71 13.65 -13.80
N ILE D 149 -13.87 13.48 -14.82
CA ILE D 149 -12.44 13.61 -14.72
C ILE D 149 -12.05 14.73 -15.66
N ASP D 150 -11.44 15.81 -15.14
CA ASP D 150 -11.11 16.99 -15.97
C ASP D 150 -12.33 17.45 -16.75
N GLY D 151 -13.50 17.38 -16.09
CA GLY D 151 -14.73 17.89 -16.63
C GLY D 151 -15.43 16.97 -17.64
N SER D 152 -14.85 15.80 -17.96
CA SER D 152 -15.47 14.86 -18.91
C SER D 152 -16.05 13.67 -18.16
N GLU D 153 -17.18 13.13 -18.67
CA GLU D 153 -17.83 11.96 -18.07
C GLU D 153 -16.91 10.78 -18.23
N ARG D 154 -17.10 9.79 -17.36
CA ARG D 154 -16.23 8.64 -17.22
C ARG D 154 -17.13 7.42 -17.03
N GLN D 155 -16.95 6.41 -17.89
CA GLN D 155 -17.80 5.22 -17.81
C GLN D 155 -17.16 4.17 -16.90
N ASN D 156 -15.96 3.68 -17.30
CA ASN D 156 -15.37 2.47 -16.70
C ASN D 156 -14.90 2.73 -15.26
N GLY D 157 -14.99 1.69 -14.43
CA GLY D 157 -14.31 1.68 -13.15
C GLY D 157 -15.17 2.12 -11.97
N VAL D 158 -16.51 2.20 -12.18
CA VAL D 158 -17.41 2.71 -11.14
C VAL D 158 -18.18 1.58 -10.52
N LEU D 159 -18.14 1.50 -9.19
CA LEU D 159 -18.86 0.49 -8.43
C LEU D 159 -19.69 1.17 -7.36
N ASN D 160 -21.01 0.91 -7.40
CA ASN D 160 -21.96 1.59 -6.53
C ASN D 160 -22.57 0.59 -5.56
N SER D 161 -22.71 0.98 -4.29
CA SER D 161 -23.26 0.12 -3.27
C SER D 161 -24.23 0.90 -2.40
N TRP D 162 -25.51 0.45 -2.43
CA TRP D 162 -26.58 1.04 -1.63
C TRP D 162 -26.74 0.30 -0.32
N THR D 163 -26.91 1.04 0.78
CA THR D 163 -27.37 0.47 2.01
C THR D 163 -28.86 0.14 1.90
N ASP D 164 -29.38 -0.55 2.93
CA ASP D 164 -30.80 -0.71 3.12
C ASP D 164 -31.32 0.54 3.81
N GLN D 165 -32.64 0.74 3.75
CA GLN D 165 -33.32 1.89 4.33
C GLN D 165 -33.02 1.96 5.83
N ASP D 166 -32.72 3.16 6.31
CA ASP D 166 -32.45 3.37 7.73
C ASP D 166 -33.78 3.27 8.49
N SER D 167 -33.71 2.77 9.74
CA SER D 167 -34.89 2.40 10.51
C SER D 167 -35.50 3.59 11.25
N LYS D 168 -34.74 4.72 11.38
CA LYS D 168 -35.21 5.89 12.15
C LYS D 168 -35.62 7.02 11.23
N ASP D 169 -34.78 7.35 10.21
CA ASP D 169 -35.04 8.52 9.37
C ASP D 169 -35.53 8.10 7.97
N SER D 170 -35.63 6.80 7.71
CA SER D 170 -36.24 6.27 6.47
C SER D 170 -35.42 6.65 5.21
N THR D 171 -34.16 7.06 5.41
CA THR D 171 -33.30 7.44 4.28
C THR D 171 -32.44 6.26 3.83
N TYR D 172 -31.76 6.49 2.69
CA TYR D 172 -30.78 5.57 2.12
C TYR D 172 -29.43 6.28 2.02
N SER D 173 -28.35 5.48 2.07
CA SER D 173 -27.03 5.98 1.74
C SER D 173 -26.45 5.12 0.64
N MET D 174 -25.50 5.68 -0.10
CA MET D 174 -24.79 4.91 -1.13
C MET D 174 -23.30 5.27 -1.11
N SER D 175 -22.45 4.30 -1.51
CA SER D 175 -21.07 4.59 -1.90
C SER D 175 -20.91 4.40 -3.40
N SER D 176 -20.17 5.35 -4.04
CA SER D 176 -19.71 5.22 -5.41
C SER D 176 -18.18 5.27 -5.41
N THR D 177 -17.52 4.25 -6.02
CA THR D 177 -16.07 4.19 -6.07
C THR D 177 -15.58 4.11 -7.50
N LEU D 178 -14.73 5.09 -7.89
CA LEU D 178 -14.02 5.08 -9.13
C LEU D 178 -12.62 4.51 -8.87
N THR D 179 -12.37 3.27 -9.31
CA THR D 179 -11.01 2.67 -9.22
C THR D 179 -10.28 2.88 -10.54
N LEU D 180 -9.10 3.51 -10.44
CA LEU D 180 -8.24 3.82 -11.57
C LEU D 180 -6.83 3.23 -11.35
N THR D 181 -6.08 3.04 -12.44
CA THR D 181 -4.61 2.82 -12.34
C THR D 181 -3.99 4.08 -11.78
N LYS D 182 -2.88 3.98 -11.07
CA LYS D 182 -2.20 5.18 -10.53
C LYS D 182 -1.83 6.14 -11.68
N ASP D 183 -1.42 5.60 -12.82
CA ASP D 183 -0.99 6.46 -13.91
C ASP D 183 -2.17 7.29 -14.41
N GLU D 184 -3.35 6.65 -14.56
CA GLU D 184 -4.50 7.38 -15.05
C GLU D 184 -4.85 8.48 -14.07
N TYR D 185 -4.81 8.17 -12.77
CA TYR D 185 -5.12 9.16 -11.73
C TYR D 185 -4.15 10.36 -11.81
N GLU D 186 -2.85 10.09 -11.94
CA GLU D 186 -1.81 11.14 -11.96
C GLU D 186 -1.79 11.87 -13.31
N ARG D 187 -2.49 11.31 -14.29
CA ARG D 187 -2.56 11.85 -15.65
C ARG D 187 -3.65 12.98 -15.77
N HIS D 188 -4.50 13.17 -14.73
CA HIS D 188 -5.58 14.17 -14.73
C HIS D 188 -5.53 14.94 -13.42
N ASN D 189 -6.37 16.01 -13.28
CA ASN D 189 -6.31 16.84 -12.06
C ASN D 189 -7.67 16.93 -11.30
N SER D 190 -8.80 17.18 -12.01
CA SER D 190 -10.07 17.40 -11.30
C SER D 190 -10.88 16.11 -11.27
N TYR D 191 -11.47 15.83 -10.11
CA TYR D 191 -12.28 14.62 -9.89
C TYR D 191 -13.60 15.04 -9.32
N THR D 192 -14.70 14.72 -10.03
CA THR D 192 -16.03 15.18 -9.66
C THR D 192 -17.02 14.02 -9.52
N CYS D 193 -17.75 14.08 -8.39
CA CYS D 193 -18.82 13.19 -8.05
C CYS D 193 -20.16 13.96 -8.17
N GLU D 194 -21.06 13.54 -9.09
CA GLU D 194 -22.34 14.24 -9.31
C GLU D 194 -23.54 13.35 -9.01
N ALA D 195 -24.42 13.82 -8.10
CA ALA D 195 -25.66 13.10 -7.74
C ALA D 195 -26.87 13.79 -8.39
N THR D 196 -27.73 13.03 -9.09
CA THR D 196 -29.01 13.57 -9.64
C THR D 196 -30.16 12.60 -9.39
N HIS D 197 -31.34 13.17 -9.07
CA HIS D 197 -32.66 12.50 -9.14
C HIS D 197 -33.71 13.40 -8.54
N SER D 202 -31.44 19.07 -11.03
CA SER D 202 -30.32 19.89 -10.47
C SER D 202 -29.42 19.03 -9.58
N PRO D 203 -28.16 18.80 -10.00
CA PRO D 203 -27.28 17.94 -9.26
C PRO D 203 -26.68 18.55 -8.01
N ILE D 204 -26.16 17.66 -7.15
CA ILE D 204 -25.21 18.00 -6.11
C ILE D 204 -23.84 17.51 -6.58
N VAL D 205 -22.82 18.39 -6.50
CA VAL D 205 -21.48 18.06 -6.95
C VAL D 205 -20.48 18.25 -5.81
N LYS D 206 -19.45 17.41 -5.80
CA LYS D 206 -18.29 17.56 -4.94
C LYS D 206 -17.07 17.19 -5.76
N SER D 207 -16.01 17.94 -5.55
CA SER D 207 -14.83 17.83 -6.37
C SER D 207 -13.58 17.99 -5.51
N PHE D 208 -12.45 17.50 -6.07
CA PHE D 208 -11.14 17.88 -5.60
C PHE D 208 -10.18 17.94 -6.78
N ASN D 209 -9.05 18.58 -6.52
CA ASN D 209 -8.01 18.79 -7.49
C ASN D 209 -6.74 18.11 -6.95
N ARG D 210 -6.18 17.18 -7.73
CA ARG D 210 -5.02 16.40 -7.32
C ARG D 210 -3.87 17.33 -6.90
N ASN D 211 -3.60 18.34 -7.70
CA ASN D 211 -2.48 19.28 -7.47
C ASN D 211 -2.55 19.95 -6.07
N GLU D 212 -3.74 19.92 -5.40
CA GLU D 212 -3.92 20.61 -4.12
C GLU D 212 -3.53 19.70 -2.93
#